data_1WUQ
#
_entry.id   1WUQ
#
_cell.length_a   160.800
_cell.length_b   110.957
_cell.length_c   70.463
_cell.angle_alpha   90.00
_cell.angle_beta   105.53
_cell.angle_gamma   90.00
#
_symmetry.space_group_name_H-M   'C 1 2 1'
#
loop_
_entity.id
_entity.type
_entity.pdbx_description
1 polymer 'GTP cyclohydrolase I'
2 non-polymer 'ZINC ION'
3 non-polymer "8-OXO-GUANOSINE-5'-TRIPHOSPHATE"
4 water water
#
_entity_poly.entity_id   1
_entity_poly.type   'polypeptide(L)'
_entity_poly.pdbx_seq_one_letter_code
;MSPGPQSGGQERGSMERKMVELEDTGLTFATEVDLERLQALAAEWLQVIGEDPGREGLLKTPERVAKAWAFLTRGYRQRL
EEVVGGAVFPAEGSEMVVVKGVEFYSMCEHHLLPFFGKVHIGYIPDGKILGLSKFARIVDMFARRLQVQERLAVQIAEAI
QEVLEPQGVGVVVEGVHLCMMMRGVEKQHSRTVTSAMLGVFRENQKTREEFLSHLRDGTA
;
_entity_poly.pdbx_strand_id   A,B,C,D,E
#
# COMPACT_ATOMS: atom_id res chain seq x y z
N VAL A 33 35.14 27.44 13.75
CA VAL A 33 35.92 26.63 12.76
C VAL A 33 36.90 27.52 11.98
N ASP A 34 38.15 27.07 11.90
CA ASP A 34 39.21 27.78 11.21
C ASP A 34 39.06 27.65 9.68
N LEU A 35 38.29 28.55 9.09
CA LEU A 35 38.04 28.54 7.65
C LEU A 35 39.31 28.67 6.81
N GLU A 36 40.27 29.44 7.32
CA GLU A 36 41.54 29.66 6.63
C GLU A 36 42.31 28.35 6.46
N ARG A 37 42.33 27.53 7.51
CA ARG A 37 43.03 26.25 7.45
C ARG A 37 42.30 25.30 6.51
N LEU A 38 40.97 25.33 6.55
CA LEU A 38 40.17 24.49 5.66
C LEU A 38 40.45 24.85 4.21
N GLN A 39 40.53 26.14 3.93
CA GLN A 39 40.82 26.62 2.57
C GLN A 39 42.16 26.12 2.07
N ALA A 40 43.16 26.14 2.94
CA ALA A 40 44.50 25.69 2.60
C ALA A 40 44.49 24.18 2.35
N LEU A 41 43.81 23.44 3.21
CA LEU A 41 43.71 21.99 3.07
C LEU A 41 43.01 21.59 1.77
N ALA A 42 41.95 22.32 1.44
CA ALA A 42 41.16 22.08 0.24
C ALA A 42 41.97 22.39 -1.03
N ALA A 43 42.76 23.45 -0.98
CA ALA A 43 43.58 23.85 -2.12
C ALA A 43 44.63 22.79 -2.39
N GLU A 44 45.17 22.20 -1.33
CA GLU A 44 46.17 21.15 -1.47
C GLU A 44 45.50 19.86 -1.97
N TRP A 45 44.25 19.65 -1.54
CA TRP A 45 43.47 18.49 -1.94
C TRP A 45 43.32 18.49 -3.46
N LEU A 46 42.94 19.65 -4.00
CA LEU A 46 42.75 19.80 -5.44
C LEU A 46 44.05 19.45 -6.17
N GLN A 47 45.17 19.88 -5.61
CA GLN A 47 46.48 19.60 -6.19
C GLN A 47 46.80 18.10 -6.19
N VAL A 48 46.60 17.44 -5.04
CA VAL A 48 46.89 16.01 -4.90
C VAL A 48 46.04 15.09 -5.80
N ILE A 49 44.77 15.42 -6.00
CA ILE A 49 43.92 14.58 -6.85
C ILE A 49 44.24 14.76 -8.33
N GLY A 50 45.11 15.74 -8.63
CA GLY A 50 45.51 15.98 -10.00
C GLY A 50 44.91 17.18 -10.71
N GLU A 51 44.09 17.95 -10.01
CA GLU A 51 43.49 19.13 -10.61
C GLU A 51 44.40 20.36 -10.56
N ASP A 52 43.95 21.43 -11.21
CA ASP A 52 44.69 22.68 -11.26
C ASP A 52 44.00 23.71 -10.36
N PRO A 53 44.55 23.94 -9.16
CA PRO A 53 44.03 24.90 -8.18
C PRO A 53 43.99 26.32 -8.72
N GLY A 54 44.75 26.55 -9.79
CA GLY A 54 44.82 27.87 -10.39
C GLY A 54 43.83 28.16 -11.50
N ARG A 55 43.17 27.13 -12.04
CA ARG A 55 42.22 27.39 -13.13
C ARG A 55 40.99 28.17 -12.64
N GLU A 56 40.45 28.99 -13.53
CA GLU A 56 39.31 29.86 -13.23
C GLU A 56 38.18 29.27 -12.40
N GLY A 57 37.71 28.07 -12.77
CA GLY A 57 36.60 27.46 -12.05
C GLY A 57 36.89 26.94 -10.64
N LEU A 58 38.15 26.78 -10.30
CA LEU A 58 38.54 26.29 -8.97
C LEU A 58 39.11 27.36 -8.05
N LEU A 59 39.29 28.56 -8.57
CA LEU A 59 39.85 29.66 -7.77
C LEU A 59 39.13 29.91 -6.45
N LYS A 60 37.80 29.89 -6.48
CA LYS A 60 37.02 30.13 -5.27
C LYS A 60 36.54 28.84 -4.57
N THR A 61 36.93 27.68 -5.11
CA THR A 61 36.52 26.40 -4.53
C THR A 61 36.98 26.16 -3.08
N PRO A 62 38.26 26.43 -2.76
CA PRO A 62 38.71 26.22 -1.37
C PRO A 62 37.82 27.00 -0.40
N GLU A 63 37.50 28.23 -0.79
CA GLU A 63 36.64 29.10 0.01
C GLU A 63 35.22 28.53 0.12
N ARG A 64 34.64 28.11 -1.00
CA ARG A 64 33.30 27.54 -1.01
C ARG A 64 33.25 26.25 -0.18
N VAL A 65 34.29 25.42 -0.32
CA VAL A 65 34.37 24.17 0.41
C VAL A 65 34.47 24.39 1.92
N ALA A 66 35.31 25.33 2.33
CA ALA A 66 35.48 25.63 3.76
C ALA A 66 34.15 26.04 4.39
N LYS A 67 33.47 26.98 3.75
CA LYS A 67 32.17 27.46 4.24
C LYS A 67 31.14 26.34 4.30
N ALA A 68 31.13 25.52 3.26
CA ALA A 68 30.20 24.40 3.17
C ALA A 68 30.37 23.45 4.35
N TRP A 69 31.62 23.10 4.65
CA TRP A 69 31.88 22.18 5.75
C TRP A 69 31.61 22.77 7.13
N ALA A 70 31.73 24.09 7.24
CA ALA A 70 31.44 24.75 8.51
C ALA A 70 29.93 24.58 8.74
N PHE A 71 29.15 24.76 7.68
CA PHE A 71 27.70 24.61 7.74
C PHE A 71 27.31 23.15 8.00
N LEU A 72 27.95 22.23 7.28
CA LEU A 72 27.63 20.81 7.42
C LEU A 72 27.99 20.16 8.77
N THR A 73 28.81 20.85 9.56
CA THR A 73 29.22 20.35 10.88
C THR A 73 28.75 21.32 11.98
N ARG A 74 27.87 22.25 11.64
CA ARG A 74 27.36 23.24 12.59
C ARG A 74 26.58 22.60 13.73
N GLY A 75 26.09 21.39 13.50
CA GLY A 75 25.33 20.69 14.52
C GLY A 75 26.10 20.41 15.80
N TYR A 76 27.42 20.24 15.67
CA TYR A 76 28.28 19.98 16.82
C TYR A 76 28.24 21.16 17.78
N ARG A 77 28.20 22.36 17.20
CA ARG A 77 28.22 23.61 17.95
C ARG A 77 26.87 24.15 18.43
N GLN A 78 25.80 23.38 18.25
CA GLN A 78 24.46 23.79 18.69
C GLN A 78 24.11 23.13 20.02
N ARG A 79 23.15 23.72 20.72
CA ARG A 79 22.70 23.15 21.99
C ARG A 79 21.18 22.99 22.01
N LEU A 80 20.75 21.82 22.47
CA LEU A 80 19.35 21.45 22.52
C LEU A 80 18.40 22.52 23.05
N GLU A 81 18.77 23.19 24.14
CA GLU A 81 17.89 24.21 24.71
C GLU A 81 17.65 25.42 23.79
N GLU A 82 18.67 25.84 23.05
CA GLU A 82 18.51 26.97 22.14
C GLU A 82 17.75 26.53 20.89
N VAL A 83 17.93 25.28 20.49
CA VAL A 83 17.26 24.72 19.33
C VAL A 83 15.75 24.64 19.57
N VAL A 84 15.37 24.22 20.77
CA VAL A 84 13.97 24.10 21.17
C VAL A 84 13.32 25.48 21.37
N GLY A 85 14.12 26.46 21.77
CA GLY A 85 13.63 27.81 21.98
C GLY A 85 12.44 27.95 22.91
N GLY A 86 12.30 27.00 23.85
CA GLY A 86 11.20 27.04 24.78
C GLY A 86 9.83 26.76 24.18
N ALA A 87 9.82 26.28 22.94
CA ALA A 87 8.56 25.97 22.26
C ALA A 87 7.98 24.65 22.76
N VAL A 88 7.65 24.62 24.05
CA VAL A 88 7.06 23.46 24.69
C VAL A 88 5.71 23.93 25.22
N PHE A 89 4.64 23.28 24.79
CA PHE A 89 3.30 23.66 25.19
C PHE A 89 2.57 22.55 25.94
N PRO A 90 1.52 22.90 26.68
CA PRO A 90 0.76 21.89 27.43
C PRO A 90 0.04 20.96 26.45
N ALA A 91 -0.03 19.68 26.79
CA ALA A 91 -0.68 18.69 25.93
C ALA A 91 -2.17 18.99 25.73
N GLU A 92 -2.61 18.91 24.49
CA GLU A 92 -4.01 19.15 24.12
C GLU A 92 -4.82 17.87 24.25
N GLY A 93 -4.12 16.75 24.29
CA GLY A 93 -4.77 15.45 24.39
C GLY A 93 -3.78 14.37 24.79
N SER A 94 -4.20 13.13 24.66
CA SER A 94 -3.34 12.01 25.03
C SER A 94 -2.93 11.08 23.89
N GLU A 95 -3.40 11.35 22.67
CA GLU A 95 -3.06 10.50 21.54
C GLU A 95 -1.68 10.80 20.99
N MET A 96 -1.11 9.88 20.22
CA MET A 96 0.22 10.12 19.67
C MET A 96 0.22 11.18 18.59
N VAL A 97 1.35 11.86 18.50
CA VAL A 97 1.57 12.89 17.50
C VAL A 97 2.66 12.28 16.61
N VAL A 98 2.45 12.35 15.30
CA VAL A 98 3.42 11.80 14.35
C VAL A 98 3.84 12.89 13.38
N VAL A 99 5.13 13.20 13.36
CA VAL A 99 5.66 14.20 12.44
C VAL A 99 6.51 13.39 11.47
N LYS A 100 5.99 13.15 10.27
CA LYS A 100 6.76 12.36 9.31
C LYS A 100 7.29 13.16 8.13
N GLY A 101 8.18 12.51 7.37
CA GLY A 101 8.75 13.13 6.20
C GLY A 101 9.69 14.30 6.42
N VAL A 102 10.33 14.39 7.58
CA VAL A 102 11.28 15.47 7.82
C VAL A 102 12.56 15.12 7.05
N GLU A 103 12.79 15.77 5.91
CA GLU A 103 13.98 15.45 5.14
C GLU A 103 15.24 15.83 5.90
N PHE A 104 16.28 15.02 5.73
CA PHE A 104 17.56 15.29 6.39
C PHE A 104 18.71 14.96 5.46
N TYR A 105 19.86 15.56 5.75
CA TYR A 105 21.08 15.31 4.99
C TYR A 105 22.19 15.23 6.02
N SER A 106 23.06 14.23 5.87
CA SER A 106 24.17 14.09 6.79
C SER A 106 25.39 13.58 6.01
N MET A 107 26.49 13.33 6.73
CA MET A 107 27.73 12.83 6.13
C MET A 107 28.15 11.61 6.93
N CYS A 108 28.43 10.50 6.25
CA CYS A 108 28.85 9.31 6.97
C CYS A 108 30.25 9.54 7.51
N GLU A 109 30.49 9.15 8.75
CA GLU A 109 31.80 9.35 9.37
C GLU A 109 32.85 8.43 8.77
N HIS A 110 32.42 7.41 8.04
CA HIS A 110 33.34 6.46 7.43
C HIS A 110 33.97 6.91 6.12
N HIS A 111 33.21 7.60 5.28
CA HIS A 111 33.73 8.06 3.98
C HIS A 111 33.63 9.55 3.73
N LEU A 112 32.94 10.26 4.62
CA LEU A 112 32.74 11.69 4.47
C LEU A 112 31.94 11.99 3.18
N LEU A 113 30.99 11.11 2.87
CA LEU A 113 30.12 11.26 1.72
C LEU A 113 28.70 11.38 2.27
N PRO A 114 27.85 12.15 1.59
CA PRO A 114 26.47 12.33 2.04
C PRO A 114 25.55 11.13 2.06
N PHE A 115 24.71 11.08 3.09
CA PHE A 115 23.65 10.09 3.19
C PHE A 115 22.44 10.96 3.56
N PHE A 116 21.30 10.66 2.96
CA PHE A 116 20.13 11.49 3.17
C PHE A 116 18.84 10.74 2.97
N GLY A 117 17.75 11.37 3.40
CA GLY A 117 16.44 10.77 3.28
C GLY A 117 15.44 11.51 4.14
N LYS A 118 14.71 10.76 4.96
CA LYS A 118 13.69 11.36 5.81
C LYS A 118 13.66 10.76 7.21
N VAL A 119 13.24 11.58 8.17
CA VAL A 119 13.11 11.14 9.56
C VAL A 119 11.63 11.25 9.91
N HIS A 120 11.11 10.21 10.57
CA HIS A 120 9.71 10.17 10.99
C HIS A 120 9.76 10.09 12.51
N ILE A 121 8.99 10.94 13.17
CA ILE A 121 8.97 10.99 14.63
C ILE A 121 7.57 10.80 15.19
N GLY A 122 7.47 9.99 16.25
CA GLY A 122 6.20 9.77 16.90
C GLY A 122 6.37 9.79 18.41
N TYR A 123 5.38 10.33 19.12
CA TYR A 123 5.45 10.37 20.59
C TYR A 123 4.08 10.54 21.24
N ILE A 124 3.96 10.03 22.46
CA ILE A 124 2.74 10.14 23.26
C ILE A 124 3.17 11.11 24.36
N PRO A 125 2.54 12.29 24.41
CA PRO A 125 2.90 13.28 25.43
C PRO A 125 2.56 12.89 26.87
N ASP A 126 3.25 13.52 27.79
CA ASP A 126 3.03 13.34 29.23
C ASP A 126 2.88 14.76 29.75
N GLY A 127 1.79 15.40 29.35
CA GLY A 127 1.53 16.76 29.76
C GLY A 127 2.19 17.84 28.91
N LYS A 128 3.11 17.45 28.03
CA LYS A 128 3.80 18.43 27.19
C LYS A 128 3.96 18.02 25.72
N ILE A 129 3.69 18.97 24.82
CA ILE A 129 3.85 18.75 23.39
C ILE A 129 4.90 19.74 22.89
N LEU A 130 5.56 19.42 21.79
CA LEU A 130 6.60 20.27 21.23
C LEU A 130 6.17 20.99 19.95
N GLY A 131 6.68 22.21 19.76
CA GLY A 131 6.37 22.96 18.56
C GLY A 131 6.85 22.09 17.41
N LEU A 132 5.98 21.85 16.43
CA LEU A 132 6.30 20.99 15.29
C LEU A 132 7.64 21.25 14.60
N SER A 133 7.95 22.51 14.33
CA SER A 133 9.20 22.86 13.66
C SER A 133 10.44 22.49 14.48
N LYS A 134 10.30 22.40 15.80
CA LYS A 134 11.45 22.07 16.65
C LYS A 134 11.91 20.64 16.40
N PHE A 135 11.03 19.78 15.92
CA PHE A 135 11.42 18.41 15.61
C PHE A 135 12.43 18.47 14.45
N ALA A 136 12.16 19.35 13.50
CA ALA A 136 13.04 19.55 12.34
C ALA A 136 14.37 20.16 12.76
N ARG A 137 14.32 21.13 13.66
CA ARG A 137 15.54 21.78 14.15
C ARG A 137 16.42 20.78 14.90
N ILE A 138 15.79 19.86 15.62
CA ILE A 138 16.52 18.82 16.35
C ILE A 138 17.16 17.84 15.36
N VAL A 139 16.40 17.45 14.34
CA VAL A 139 16.90 16.55 13.30
C VAL A 139 18.18 17.12 12.67
N ASP A 140 18.12 18.41 12.31
CA ASP A 140 19.26 19.09 11.68
C ASP A 140 20.47 19.20 12.59
N MET A 141 20.21 19.41 13.88
CA MET A 141 21.28 19.51 14.87
C MET A 141 22.15 18.26 14.89
N PHE A 142 21.51 17.10 14.83
CA PHE A 142 22.26 15.85 14.85
C PHE A 142 22.69 15.36 13.47
N ALA A 143 21.97 15.77 12.43
CA ALA A 143 22.30 15.39 11.06
C ALA A 143 23.52 16.16 10.53
N ARG A 144 23.64 17.43 10.90
CA ARG A 144 24.77 18.25 10.46
C ARG A 144 26.02 17.99 11.29
N ARG A 145 26.51 16.76 11.15
CA ARG A 145 27.68 16.24 11.84
C ARG A 145 28.12 15.03 11.03
N LEU A 146 29.21 14.40 11.45
CA LEU A 146 29.69 13.17 10.84
C LEU A 146 28.86 12.15 11.61
N GLN A 147 28.19 11.25 10.90
CA GLN A 147 27.31 10.30 11.57
C GLN A 147 27.30 8.88 11.04
N VAL A 148 26.52 8.05 11.73
CA VAL A 148 26.24 6.67 11.37
C VAL A 148 24.72 6.69 11.55
N GLN A 149 23.97 6.22 10.56
CA GLN A 149 22.52 6.28 10.64
C GLN A 149 21.90 5.71 11.91
N GLU A 150 22.49 4.64 12.43
CA GLU A 150 22.00 4.01 13.66
C GLU A 150 22.03 4.99 14.83
N ARG A 151 23.11 5.77 14.91
CA ARG A 151 23.29 6.76 15.97
C ARG A 151 22.36 7.95 15.81
N LEU A 152 22.20 8.43 14.57
CA LEU A 152 21.33 9.55 14.27
C LEU A 152 19.92 9.32 14.82
N ALA A 153 19.39 8.12 14.63
CA ALA A 153 18.05 7.77 15.11
C ALA A 153 17.97 7.86 16.64
N VAL A 154 18.95 7.24 17.30
CA VAL A 154 19.00 7.21 18.76
C VAL A 154 19.11 8.61 19.36
N GLN A 155 20.02 9.41 18.82
CA GLN A 155 20.22 10.77 19.33
C GLN A 155 19.01 11.68 19.17
N ILE A 156 18.30 11.55 18.05
CA ILE A 156 17.10 12.37 17.83
C ILE A 156 16.07 11.96 18.88
N ALA A 157 15.89 10.66 19.07
CA ALA A 157 14.94 10.14 20.05
C ALA A 157 15.27 10.60 21.48
N GLU A 158 16.55 10.57 21.84
CA GLU A 158 16.97 10.96 23.18
C GLU A 158 16.84 12.46 23.42
N ALA A 159 17.04 13.25 22.37
CA ALA A 159 16.90 14.70 22.46
C ALA A 159 15.43 15.04 22.74
N ILE A 160 14.52 14.33 22.08
CA ILE A 160 13.09 14.55 22.26
C ILE A 160 12.65 14.10 23.66
N GLN A 161 13.15 12.94 24.09
CA GLN A 161 12.86 12.39 25.41
C GLN A 161 13.22 13.40 26.50
N GLU A 162 14.40 14.00 26.38
CA GLU A 162 14.91 14.97 27.33
C GLU A 162 14.09 16.25 27.41
N VAL A 163 13.69 16.76 26.25
CA VAL A 163 12.92 18.00 26.16
C VAL A 163 11.46 17.92 26.62
N LEU A 164 10.81 16.79 26.33
CA LEU A 164 9.40 16.63 26.69
C LEU A 164 9.12 15.63 27.80
N GLU A 165 10.04 14.70 28.02
CA GLU A 165 9.85 13.63 29.01
C GLU A 165 8.48 13.01 28.75
N PRO A 166 8.23 12.62 27.48
CA PRO A 166 6.94 12.02 27.11
C PRO A 166 6.80 10.60 27.62
N GLN A 167 5.62 10.03 27.45
CA GLN A 167 5.37 8.65 27.86
C GLN A 167 6.23 7.75 26.97
N GLY A 168 6.55 8.24 25.77
CA GLY A 168 7.37 7.47 24.86
C GLY A 168 7.62 8.23 23.57
N VAL A 169 8.67 7.82 22.86
CA VAL A 169 9.02 8.44 21.59
C VAL A 169 9.62 7.40 20.66
N GLY A 170 9.28 7.50 19.37
CA GLY A 170 9.79 6.59 18.38
C GLY A 170 10.35 7.40 17.21
N VAL A 171 11.50 7.00 16.70
CA VAL A 171 12.13 7.69 15.57
C VAL A 171 12.56 6.67 14.53
N VAL A 172 12.17 6.91 13.28
CA VAL A 172 12.55 6.05 12.18
C VAL A 172 13.28 6.91 11.15
N VAL A 173 14.48 6.47 10.78
CA VAL A 173 15.28 7.20 9.80
C VAL A 173 15.44 6.29 8.60
N GLU A 174 15.12 6.82 7.42
CA GLU A 174 15.26 6.06 6.20
C GLU A 174 16.13 6.87 5.26
N GLY A 175 17.21 6.28 4.79
CA GLY A 175 18.08 7.03 3.90
C GLY A 175 18.89 6.24 2.89
N VAL A 176 19.37 6.95 1.89
CA VAL A 176 20.20 6.37 0.85
C VAL A 176 21.61 6.86 1.16
N HIS A 177 22.59 6.01 0.89
CA HIS A 177 23.99 6.32 1.18
C HIS A 177 24.84 6.35 -0.07
N LEU A 178 25.35 7.54 -0.40
CA LEU A 178 26.18 7.71 -1.58
C LEU A 178 27.45 6.87 -1.54
N CYS A 179 27.93 6.54 -0.34
CA CYS A 179 29.15 5.75 -0.25
C CYS A 179 28.89 4.32 -0.73
N MET A 180 27.61 3.97 -0.83
CA MET A 180 27.19 2.65 -1.32
C MET A 180 26.76 2.74 -2.78
N MET A 181 26.42 3.95 -3.22
CA MET A 181 25.93 4.15 -4.59
C MET A 181 26.91 4.66 -5.64
N MET A 182 27.74 5.64 -5.29
CA MET A 182 28.70 6.21 -6.24
C MET A 182 30.10 5.62 -6.19
N ARG A 183 30.28 4.63 -5.32
CA ARG A 183 31.55 3.95 -5.16
C ARG A 183 31.33 2.61 -4.45
N GLY A 184 32.43 1.88 -4.22
CA GLY A 184 32.34 0.60 -3.53
C GLY A 184 31.45 -0.42 -4.24
N VAL A 185 30.45 -0.92 -3.52
CA VAL A 185 29.52 -1.91 -4.07
C VAL A 185 28.66 -1.35 -5.20
N GLU A 186 28.53 -0.03 -5.22
CA GLU A 186 27.72 0.66 -6.23
C GLU A 186 26.30 0.12 -6.43
N LYS A 187 25.64 -0.25 -5.33
CA LYS A 187 24.25 -0.72 -5.40
C LYS A 187 23.39 0.53 -5.60
N GLN A 188 22.35 0.41 -6.41
CA GLN A 188 21.49 1.56 -6.74
C GLN A 188 20.12 1.60 -6.10
N HIS A 189 19.56 0.42 -5.82
CA HIS A 189 18.21 0.32 -5.29
C HIS A 189 18.07 0.24 -3.77
N SER A 190 19.16 0.23 -3.03
CA SER A 190 19.04 0.10 -1.57
C SER A 190 18.79 1.36 -0.75
N ARG A 191 18.11 1.18 0.36
CA ARG A 191 17.80 2.25 1.31
C ARG A 191 17.93 1.56 2.66
N THR A 192 18.35 2.30 3.68
CA THR A 192 18.52 1.73 5.01
C THR A 192 17.55 2.36 5.99
N VAL A 193 16.97 1.52 6.84
CA VAL A 193 16.05 2.03 7.85
C VAL A 193 16.65 1.73 9.22
N THR A 194 16.71 2.73 10.08
CA THR A 194 17.21 2.57 11.44
C THR A 194 16.18 3.22 12.34
N SER A 195 16.14 2.81 13.60
CA SER A 195 15.16 3.38 14.51
C SER A 195 15.60 3.39 15.96
N ALA A 196 14.81 4.06 16.79
CA ALA A 196 15.06 4.17 18.21
C ALA A 196 13.70 4.32 18.87
N MET A 197 13.42 3.44 19.82
CA MET A 197 12.14 3.43 20.53
C MET A 197 12.40 3.61 22.02
N LEU A 198 11.75 4.60 22.63
CA LEU A 198 11.93 4.88 24.04
C LEU A 198 10.59 4.87 24.78
N GLY A 199 10.64 4.56 26.07
CA GLY A 199 9.45 4.52 26.89
C GLY A 199 8.39 3.56 26.39
N VAL A 200 7.16 4.05 26.28
CA VAL A 200 6.06 3.21 25.81
C VAL A 200 6.22 2.68 24.40
N PHE A 201 7.00 3.37 23.56
CA PHE A 201 7.22 2.90 22.19
C PHE A 201 8.07 1.63 22.17
N ARG A 202 8.98 1.51 23.15
CA ARG A 202 9.82 0.33 23.24
C ARG A 202 9.10 -0.81 23.97
N GLU A 203 8.39 -0.46 25.04
CA GLU A 203 7.70 -1.47 25.83
C GLU A 203 6.33 -1.92 25.38
N ASN A 204 5.57 -1.02 24.75
CA ASN A 204 4.24 -1.37 24.28
C ASN A 204 4.25 -1.71 22.79
N GLN A 205 4.16 -3.00 22.50
CA GLN A 205 4.16 -3.53 21.14
C GLN A 205 3.12 -2.88 20.22
N LYS A 206 1.90 -2.73 20.71
CA LYS A 206 0.81 -2.13 19.94
C LYS A 206 1.02 -0.64 19.67
N THR A 207 1.66 0.05 20.61
CA THR A 207 1.94 1.48 20.43
C THR A 207 2.98 1.61 19.32
N ARG A 208 4.03 0.80 19.37
CA ARG A 208 5.08 0.85 18.36
C ARG A 208 4.49 0.52 16.99
N GLU A 209 3.65 -0.51 16.96
CA GLU A 209 2.99 -0.97 15.74
C GLU A 209 2.08 0.09 15.11
N GLU A 210 1.32 0.80 15.97
CA GLU A 210 0.43 1.87 15.51
C GLU A 210 1.24 2.98 14.87
N PHE A 211 2.37 3.30 15.49
CA PHE A 211 3.27 4.34 14.99
C PHE A 211 3.79 3.95 13.61
N LEU A 212 4.36 2.75 13.49
CA LEU A 212 4.90 2.28 12.21
C LEU A 212 3.84 2.19 11.12
N SER A 213 2.60 1.87 11.51
CA SER A 213 1.49 1.78 10.57
C SER A 213 1.16 3.14 9.96
N HIS A 214 1.30 4.21 10.75
CA HIS A 214 1.04 5.56 10.23
C HIS A 214 2.04 5.94 9.14
N LEU A 215 3.23 5.33 9.19
CA LEU A 215 4.27 5.60 8.21
C LEU A 215 4.05 4.89 6.87
N ARG A 216 3.12 3.94 6.84
CA ARG A 216 2.81 3.20 5.61
C ARG A 216 1.48 3.66 5.01
N VAL B 33 40.39 -20.20 -12.07
CA VAL B 33 39.55 -20.59 -13.24
C VAL B 33 40.37 -20.61 -14.53
N ASP B 34 40.27 -21.71 -15.26
CA ASP B 34 40.98 -21.88 -16.52
C ASP B 34 40.24 -21.18 -17.66
N LEU B 35 40.57 -19.91 -17.88
CA LEU B 35 39.94 -19.11 -18.93
C LEU B 35 40.14 -19.69 -20.33
N GLU B 36 41.31 -20.27 -20.57
CA GLU B 36 41.62 -20.85 -21.87
C GLU B 36 40.69 -22.02 -22.19
N ARG B 37 40.43 -22.85 -21.18
CA ARG B 37 39.55 -23.99 -21.34
C ARG B 37 38.10 -23.51 -21.55
N LEU B 38 37.70 -22.46 -20.84
CA LEU B 38 36.35 -21.93 -21.00
C LEU B 38 36.15 -21.41 -22.42
N GLN B 39 37.14 -20.70 -22.94
CA GLN B 39 37.06 -20.15 -24.30
C GLN B 39 36.91 -21.26 -25.33
N ALA B 40 37.62 -22.37 -25.12
CA ALA B 40 37.56 -23.52 -26.02
C ALA B 40 36.16 -24.13 -25.98
N LEU B 41 35.63 -24.32 -24.77
CA LEU B 41 34.30 -24.88 -24.61
C LEU B 41 33.24 -23.96 -25.23
N ALA B 42 33.42 -22.65 -25.06
CA ALA B 42 32.50 -21.65 -25.60
C ALA B 42 32.54 -21.63 -27.13
N ALA B 43 33.74 -21.80 -27.68
CA ALA B 43 33.91 -21.81 -29.14
C ALA B 43 33.21 -23.02 -29.73
N GLU B 44 33.30 -24.17 -29.05
CA GLU B 44 32.65 -25.38 -29.53
C GLU B 44 31.14 -25.24 -29.35
N TRP B 45 30.75 -24.50 -28.31
CA TRP B 45 29.33 -24.28 -28.01
C TRP B 45 28.71 -23.55 -29.20
N LEU B 46 29.40 -22.52 -29.68
CA LEU B 46 28.92 -21.75 -30.82
C LEU B 46 28.73 -22.63 -32.05
N GLN B 47 29.66 -23.54 -32.29
CA GLN B 47 29.56 -24.45 -33.43
C GLN B 47 28.37 -25.39 -33.31
N VAL B 48 28.24 -26.04 -32.14
CA VAL B 48 27.16 -26.99 -31.90
C VAL B 48 25.74 -26.42 -31.99
N ILE B 49 25.54 -25.18 -31.55
CA ILE B 49 24.21 -24.59 -31.64
C ILE B 49 23.83 -24.14 -33.05
N GLY B 50 24.80 -24.20 -33.96
CA GLY B 50 24.54 -23.82 -35.35
C GLY B 50 25.14 -22.52 -35.84
N GLU B 51 25.90 -21.85 -34.99
CA GLU B 51 26.52 -20.57 -35.36
C GLU B 51 27.92 -20.69 -35.96
N ASP B 52 28.41 -19.57 -36.48
CA ASP B 52 29.75 -19.51 -37.09
C ASP B 52 30.73 -18.75 -36.20
N PRO B 53 31.65 -19.47 -35.54
CA PRO B 53 32.66 -18.87 -34.64
C PRO B 53 33.56 -17.91 -35.41
N GLY B 54 33.57 -18.05 -36.73
CA GLY B 54 34.38 -17.22 -37.59
C GLY B 54 33.73 -15.87 -37.90
N ARG B 55 32.44 -15.73 -37.59
CA ARG B 55 31.73 -14.46 -37.81
C ARG B 55 32.47 -13.34 -37.12
N GLU B 56 32.46 -12.15 -37.73
CA GLU B 56 33.13 -11.00 -37.17
C GLU B 56 32.62 -10.70 -35.76
N GLY B 57 31.31 -10.82 -35.56
CA GLY B 57 30.72 -10.55 -34.25
C GLY B 57 30.94 -11.58 -33.16
N LEU B 58 31.34 -12.80 -33.54
CA LEU B 58 31.57 -13.88 -32.57
C LEU B 58 33.04 -14.20 -32.31
N LEU B 59 33.93 -13.57 -33.06
CA LEU B 59 35.37 -13.81 -32.91
C LEU B 59 35.89 -13.64 -31.48
N LYS B 60 35.42 -12.59 -30.79
CA LYS B 60 35.86 -12.33 -29.43
C LYS B 60 34.88 -12.84 -28.37
N THR B 61 33.79 -13.50 -28.81
CA THR B 61 32.80 -14.01 -27.88
C THR B 61 33.31 -15.05 -26.88
N PRO B 62 34.10 -16.04 -27.34
CA PRO B 62 34.60 -17.04 -26.39
C PRO B 62 35.37 -16.40 -25.24
N GLU B 63 36.18 -15.40 -25.56
CA GLU B 63 36.97 -14.67 -24.56
C GLU B 63 36.03 -13.92 -23.62
N ARG B 64 35.05 -13.23 -24.20
CA ARG B 64 34.07 -12.46 -23.42
C ARG B 64 33.27 -13.36 -22.48
N VAL B 65 32.82 -14.50 -23.02
CA VAL B 65 32.05 -15.46 -22.23
C VAL B 65 32.88 -16.03 -21.10
N ALA B 66 34.14 -16.37 -21.38
CA ALA B 66 35.05 -16.92 -20.38
C ALA B 66 35.19 -15.96 -19.20
N LYS B 67 35.51 -14.70 -19.50
CA LYS B 67 35.68 -13.67 -18.50
C LYS B 67 34.39 -13.44 -17.72
N ALA B 68 33.28 -13.42 -18.44
CA ALA B 68 31.97 -13.21 -17.82
C ALA B 68 31.66 -14.28 -16.77
N TRP B 69 31.86 -15.54 -17.13
CA TRP B 69 31.59 -16.64 -16.21
C TRP B 69 32.53 -16.73 -15.02
N ALA B 70 33.74 -16.21 -15.18
CA ALA B 70 34.71 -16.21 -14.10
C ALA B 70 34.20 -15.20 -13.06
N PHE B 71 33.64 -14.09 -13.56
CA PHE B 71 33.07 -13.05 -12.70
C PHE B 71 31.77 -13.53 -12.05
N LEU B 72 30.92 -14.18 -12.84
CA LEU B 72 29.63 -14.66 -12.37
C LEU B 72 29.71 -15.78 -11.33
N THR B 73 30.90 -16.37 -11.19
CA THR B 73 31.11 -17.44 -10.22
C THR B 73 32.22 -17.09 -9.23
N ARG B 74 32.62 -15.82 -9.17
CA ARG B 74 33.68 -15.38 -8.26
C ARG B 74 33.32 -15.56 -6.79
N GLY B 75 32.03 -15.72 -6.51
CA GLY B 75 31.56 -15.91 -5.14
C GLY B 75 32.13 -17.12 -4.45
N TYR B 76 32.35 -18.20 -5.21
CA TYR B 76 32.92 -19.44 -4.65
C TYR B 76 34.33 -19.18 -4.14
N ARG B 77 35.03 -18.27 -4.80
CA ARG B 77 36.41 -17.94 -4.46
C ARG B 77 36.60 -16.82 -3.43
N GLN B 78 35.51 -16.33 -2.88
CA GLN B 78 35.58 -15.27 -1.87
C GLN B 78 35.50 -15.86 -0.46
N ARG B 79 36.02 -15.10 0.51
CA ARG B 79 36.03 -15.50 1.90
C ARG B 79 35.23 -14.49 2.73
N LEU B 80 34.30 -14.98 3.53
CA LEU B 80 33.46 -14.12 4.36
C LEU B 80 34.27 -13.11 5.16
N GLU B 81 35.38 -13.57 5.74
CA GLU B 81 36.24 -12.69 6.52
C GLU B 81 36.79 -11.52 5.72
N GLU B 82 37.19 -11.78 4.47
CA GLU B 82 37.73 -10.73 3.63
C GLU B 82 36.60 -9.81 3.14
N VAL B 83 35.44 -10.41 2.89
CA VAL B 83 34.28 -9.66 2.42
C VAL B 83 33.83 -8.62 3.44
N VAL B 84 33.84 -9.01 4.72
CA VAL B 84 33.44 -8.12 5.80
C VAL B 84 34.49 -7.04 6.04
N GLY B 85 35.76 -7.39 5.83
CA GLY B 85 36.84 -6.44 6.00
C GLY B 85 36.91 -5.73 7.35
N GLY B 86 36.55 -6.44 8.41
CA GLY B 86 36.57 -5.87 9.75
C GLY B 86 35.65 -4.68 9.96
N ALA B 87 34.67 -4.49 9.08
CA ALA B 87 33.73 -3.39 9.23
C ALA B 87 32.61 -3.74 10.20
N VAL B 88 32.99 -4.10 11.42
CA VAL B 88 32.05 -4.43 12.47
C VAL B 88 32.27 -3.39 13.56
N PHE B 89 31.21 -2.65 13.89
CA PHE B 89 31.30 -1.58 14.88
C PHE B 89 30.45 -1.81 16.11
N PRO B 90 30.71 -1.04 17.18
CA PRO B 90 29.95 -1.16 18.43
C PRO B 90 28.54 -0.68 18.12
N ALA B 91 27.53 -1.38 18.63
CA ALA B 91 26.14 -0.99 18.39
C ALA B 91 25.83 0.37 19.00
N GLU B 92 25.02 1.16 18.30
CA GLU B 92 24.64 2.49 18.76
C GLU B 92 23.34 2.41 19.54
N GLY B 93 22.63 1.30 19.35
CA GLY B 93 21.37 1.09 20.02
C GLY B 93 20.96 -0.36 19.91
N SER B 94 19.78 -0.68 20.43
CA SER B 94 19.27 -2.05 20.40
C SER B 94 18.10 -2.24 19.43
N GLU B 95 17.83 -1.23 18.60
CA GLU B 95 16.74 -1.31 17.64
C GLU B 95 17.10 -1.97 16.31
N MET B 96 16.07 -2.41 15.60
CA MET B 96 16.22 -3.09 14.33
C MET B 96 16.83 -2.18 13.25
N VAL B 97 17.68 -2.78 12.42
CA VAL B 97 18.31 -2.10 11.29
C VAL B 97 17.83 -2.90 10.08
N VAL B 98 17.31 -2.21 9.08
CA VAL B 98 16.80 -2.87 7.88
C VAL B 98 17.48 -2.29 6.65
N VAL B 99 18.20 -3.13 5.92
CA VAL B 99 18.84 -2.70 4.69
C VAL B 99 18.01 -3.34 3.60
N LYS B 100 17.19 -2.54 2.94
CA LYS B 100 16.34 -3.09 1.88
C LYS B 100 16.75 -2.72 0.47
N GLY B 101 16.15 -3.42 -0.48
CA GLY B 101 16.40 -3.15 -1.89
C GLY B 101 17.80 -3.38 -2.44
N VAL B 102 18.56 -4.32 -1.85
CA VAL B 102 19.90 -4.61 -2.36
C VAL B 102 19.72 -5.48 -3.61
N GLU B 103 19.85 -4.88 -4.79
CA GLU B 103 19.66 -5.65 -6.01
C GLU B 103 20.70 -6.76 -6.10
N PHE B 104 20.28 -7.89 -6.64
CA PHE B 104 21.20 -9.02 -6.81
C PHE B 104 20.95 -9.68 -8.16
N TYR B 105 21.95 -10.43 -8.60
CA TYR B 105 21.88 -11.17 -9.84
C TYR B 105 22.55 -12.51 -9.56
N SER B 106 21.93 -13.59 -10.02
CA SER B 106 22.47 -14.92 -9.82
C SER B 106 22.15 -15.79 -11.03
N MET B 107 22.59 -17.05 -10.98
CA MET B 107 22.35 -18.03 -12.04
C MET B 107 21.74 -19.26 -11.38
N CYS B 108 20.61 -19.72 -11.89
CA CYS B 108 19.99 -20.90 -11.30
C CYS B 108 20.86 -22.10 -11.63
N GLU B 109 21.11 -22.96 -10.65
CA GLU B 109 21.96 -24.14 -10.87
C GLU B 109 21.29 -25.15 -11.80
N HIS B 110 19.98 -25.04 -11.96
CA HIS B 110 19.21 -25.96 -12.80
C HIS B 110 19.32 -25.73 -14.31
N HIS B 111 19.33 -24.47 -14.74
CA HIS B 111 19.39 -24.16 -16.17
C HIS B 111 20.53 -23.24 -16.58
N LEU B 112 21.26 -22.72 -15.61
CA LEU B 112 22.35 -21.78 -15.85
C LEU B 112 21.82 -20.53 -16.54
N LEU B 113 20.61 -20.13 -16.15
CA LEU B 113 19.98 -18.92 -16.66
C LEU B 113 19.86 -17.96 -15.48
N PRO B 114 19.96 -16.65 -15.74
CA PRO B 114 19.86 -15.67 -14.65
C PRO B 114 18.52 -15.54 -13.94
N PHE B 115 18.60 -15.29 -12.64
CA PHE B 115 17.42 -14.99 -11.83
C PHE B 115 17.90 -13.80 -11.01
N PHE B 116 17.05 -12.80 -10.88
CA PHE B 116 17.46 -11.59 -10.18
C PHE B 116 16.32 -10.84 -9.52
N GLY B 117 16.69 -9.87 -8.68
CA GLY B 117 15.70 -9.10 -7.97
C GLY B 117 16.35 -8.29 -6.86
N LYS B 118 15.83 -8.43 -5.65
CA LYS B 118 16.37 -7.69 -4.53
C LYS B 118 16.42 -8.53 -3.26
N VAL B 119 17.36 -8.18 -2.38
CA VAL B 119 17.52 -8.85 -1.08
C VAL B 119 17.24 -7.79 -0.02
N HIS B 120 16.43 -8.13 0.96
CA HIS B 120 16.11 -7.21 2.05
C HIS B 120 16.61 -7.91 3.31
N ILE B 121 17.39 -7.17 4.10
CA ILE B 121 17.96 -7.72 5.32
C ILE B 121 17.53 -6.96 6.56
N GLY B 122 17.21 -7.70 7.62
CA GLY B 122 16.80 -7.07 8.86
C GLY B 122 17.50 -7.76 10.02
N TYR B 123 17.93 -7.00 11.02
CA TYR B 123 18.59 -7.59 12.18
C TYR B 123 18.54 -6.68 13.41
N ILE B 124 18.66 -7.30 14.57
CA ILE B 124 18.68 -6.59 15.84
C ILE B 124 20.04 -6.97 16.43
N PRO B 125 20.94 -5.99 16.55
CA PRO B 125 22.26 -6.26 17.09
C PRO B 125 22.34 -6.65 18.56
N ASP B 126 23.45 -7.29 18.90
CA ASP B 126 23.75 -7.68 20.27
C ASP B 126 25.16 -7.17 20.49
N GLY B 127 25.29 -5.85 20.55
CA GLY B 127 26.58 -5.22 20.77
C GLY B 127 27.37 -4.88 19.52
N LYS B 128 27.03 -5.49 18.38
CA LYS B 128 27.77 -5.24 17.13
C LYS B 128 26.92 -4.97 15.90
N ILE B 129 27.27 -3.93 15.15
CA ILE B 129 26.57 -3.59 13.91
C ILE B 129 27.55 -3.71 12.75
N LEU B 130 27.01 -4.00 11.56
CA LEU B 130 27.82 -4.18 10.37
C LEU B 130 27.81 -2.96 9.46
N GLY B 131 28.93 -2.73 8.78
CA GLY B 131 28.99 -1.62 7.84
C GLY B 131 27.92 -1.92 6.81
N LEU B 132 27.07 -0.94 6.50
CA LEU B 132 25.98 -1.15 5.54
C LEU B 132 26.35 -1.84 4.22
N SER B 133 27.43 -1.39 3.59
CA SER B 133 27.85 -1.96 2.32
C SER B 133 28.27 -3.43 2.40
N LYS B 134 28.68 -3.87 3.59
CA LYS B 134 29.10 -5.27 3.77
C LYS B 134 27.95 -6.22 3.52
N PHE B 135 26.71 -5.75 3.77
CA PHE B 135 25.53 -6.58 3.51
C PHE B 135 25.47 -6.84 2.00
N ALA B 136 25.74 -5.80 1.22
CA ALA B 136 25.74 -5.90 -0.24
C ALA B 136 26.85 -6.84 -0.72
N ARG B 137 28.02 -6.73 -0.09
CA ARG B 137 29.16 -7.59 -0.42
C ARG B 137 28.87 -9.06 -0.10
N ILE B 138 28.15 -9.30 1.00
CA ILE B 138 27.78 -10.65 1.40
C ILE B 138 26.74 -11.21 0.41
N VAL B 139 25.80 -10.36 0.01
CA VAL B 139 24.77 -10.74 -0.96
C VAL B 139 25.45 -11.20 -2.26
N ASP B 140 26.38 -10.39 -2.76
CA ASP B 140 27.11 -10.70 -4.00
C ASP B 140 27.95 -11.96 -3.90
N MET B 141 28.57 -12.19 -2.75
CA MET B 141 29.40 -13.38 -2.54
C MET B 141 28.60 -14.67 -2.76
N PHE B 142 27.36 -14.67 -2.30
CA PHE B 142 26.51 -15.85 -2.45
C PHE B 142 25.69 -15.85 -3.72
N ALA B 143 25.45 -14.67 -4.27
CA ALA B 143 24.67 -14.53 -5.50
C ALA B 143 25.50 -14.93 -6.73
N ARG B 144 26.79 -14.62 -6.70
CA ARG B 144 27.68 -14.93 -7.82
C ARG B 144 28.20 -16.36 -7.76
N ARG B 145 27.24 -17.27 -7.89
CA ARG B 145 27.43 -18.70 -7.84
C ARG B 145 26.23 -19.27 -8.57
N LEU B 146 26.18 -20.60 -8.68
CA LEU B 146 25.02 -21.27 -9.25
C LEU B 146 24.19 -21.46 -7.97
N GLN B 147 22.91 -21.09 -8.02
CA GLN B 147 22.07 -21.13 -6.83
C GLN B 147 20.62 -21.55 -7.02
N VAL B 148 19.94 -21.71 -5.89
CA VAL B 148 18.51 -21.97 -5.82
C VAL B 148 18.13 -20.82 -4.88
N GLN B 149 17.05 -20.10 -5.18
CA GLN B 149 16.70 -18.95 -4.36
C GLN B 149 16.49 -19.23 -2.87
N GLU B 150 16.01 -20.42 -2.56
CA GLU B 150 15.78 -20.82 -1.17
C GLU B 150 17.08 -20.86 -0.39
N ARG B 151 18.15 -21.34 -1.04
CA ARG B 151 19.47 -21.43 -0.42
C ARG B 151 20.13 -20.06 -0.27
N LEU B 152 19.98 -19.22 -1.29
CA LEU B 152 20.56 -17.88 -1.28
C LEU B 152 20.16 -17.10 -0.03
N ALA B 153 18.87 -17.12 0.29
CA ALA B 153 18.35 -16.42 1.47
C ALA B 153 18.97 -16.99 2.75
N VAL B 154 19.02 -18.31 2.83
CA VAL B 154 19.58 -18.99 4.01
C VAL B 154 21.07 -18.67 4.23
N GLN B 155 21.87 -18.79 3.18
CA GLN B 155 23.29 -18.52 3.29
C GLN B 155 23.61 -17.08 3.68
N ILE B 156 22.81 -16.14 3.17
CA ILE B 156 23.01 -14.73 3.49
C ILE B 156 22.74 -14.53 4.99
N ALA B 157 21.62 -15.09 5.46
CA ALA B 157 21.25 -14.97 6.88
C ALA B 157 22.28 -15.59 7.80
N GLU B 158 22.78 -16.77 7.44
CA GLU B 158 23.78 -17.47 8.25
C GLU B 158 25.11 -16.74 8.26
N ALA B 159 25.46 -16.12 7.14
CA ALA B 159 26.70 -15.37 7.03
C ALA B 159 26.66 -14.18 8.00
N ILE B 160 25.54 -13.47 8.00
CA ILE B 160 25.36 -12.32 8.87
C ILE B 160 25.42 -12.76 10.33
N GLN B 161 24.71 -13.85 10.64
CA GLN B 161 24.67 -14.43 11.98
C GLN B 161 26.10 -14.71 12.48
N GLU B 162 26.89 -15.36 11.64
CA GLU B 162 28.26 -15.71 11.97
C GLU B 162 29.12 -14.47 12.26
N VAL B 163 28.98 -13.45 11.43
CA VAL B 163 29.74 -12.21 11.56
C VAL B 163 29.35 -11.30 12.72
N LEU B 164 28.06 -11.19 12.99
CA LEU B 164 27.61 -10.29 14.05
C LEU B 164 27.09 -10.93 15.33
N GLU B 165 26.69 -12.20 15.24
CA GLU B 165 26.11 -12.91 16.40
C GLU B 165 25.06 -11.97 17.01
N PRO B 166 24.10 -11.53 16.18
CA PRO B 166 23.04 -10.63 16.62
C PRO B 166 21.94 -11.34 17.38
N GLN B 167 21.01 -10.58 17.94
CA GLN B 167 19.88 -11.17 18.65
C GLN B 167 19.05 -11.95 17.63
N GLY B 168 19.11 -11.51 16.38
CA GLY B 168 18.38 -12.17 15.33
C GLY B 168 18.64 -11.47 14.00
N VAL B 169 18.35 -12.18 12.91
CA VAL B 169 18.51 -11.64 11.57
C VAL B 169 17.46 -12.28 10.67
N GLY B 170 16.95 -11.50 9.73
CA GLY B 170 15.95 -11.98 8.81
C GLY B 170 16.35 -11.55 7.41
N VAL B 171 16.17 -12.44 6.44
CA VAL B 171 16.50 -12.13 5.06
C VAL B 171 15.34 -12.54 4.16
N VAL B 172 14.98 -11.65 3.24
CA VAL B 172 13.91 -11.91 2.30
C VAL B 172 14.49 -11.65 0.90
N VAL B 173 14.37 -12.65 0.03
CA VAL B 173 14.86 -12.51 -1.34
C VAL B 173 13.66 -12.58 -2.27
N GLU B 174 13.56 -11.61 -3.17
CA GLU B 174 12.47 -11.56 -4.13
C GLU B 174 13.10 -11.51 -5.50
N GLY B 175 12.79 -12.48 -6.35
CA GLY B 175 13.39 -12.46 -7.67
C GLY B 175 12.55 -13.01 -8.79
N VAL B 176 12.94 -12.64 -10.02
CA VAL B 176 12.27 -13.13 -11.21
C VAL B 176 13.26 -14.13 -11.81
N HIS B 177 12.73 -15.21 -12.38
CA HIS B 177 13.56 -16.26 -12.94
C HIS B 177 13.37 -16.36 -14.45
N LEU B 178 14.44 -16.09 -15.19
CA LEU B 178 14.39 -16.16 -16.65
C LEU B 178 14.10 -17.56 -17.18
N CYS B 179 14.43 -18.59 -16.41
CA CYS B 179 14.17 -19.97 -16.84
C CYS B 179 12.66 -20.26 -16.83
N MET B 180 11.90 -19.35 -16.23
CA MET B 180 10.44 -19.46 -16.16
C MET B 180 9.80 -18.49 -17.13
N MET B 181 10.58 -17.51 -17.57
CA MET B 181 10.10 -16.46 -18.47
C MET B 181 10.53 -16.59 -19.94
N MET B 182 11.80 -16.92 -20.16
CA MET B 182 12.37 -17.08 -21.50
C MET B 182 12.05 -18.41 -22.16
N ARG B 183 11.73 -19.41 -21.33
CA ARG B 183 11.47 -20.76 -21.80
C ARG B 183 10.53 -21.48 -20.85
N GLY B 184 10.34 -22.78 -21.09
CA GLY B 184 9.46 -23.59 -20.26
C GLY B 184 8.04 -23.08 -20.22
N VAL B 185 7.53 -22.84 -19.02
CA VAL B 185 6.16 -22.34 -18.84
C VAL B 185 5.96 -20.94 -19.44
N GLU B 186 7.05 -20.22 -19.62
CA GLU B 186 7.01 -18.86 -20.18
C GLU B 186 6.04 -17.90 -19.47
N LYS B 187 5.87 -18.06 -18.16
CA LYS B 187 5.01 -17.18 -17.37
C LYS B 187 5.71 -15.82 -17.27
N GLN B 188 4.94 -14.74 -17.38
CA GLN B 188 5.51 -13.38 -17.38
C GLN B 188 5.35 -12.53 -16.11
N HIS B 189 4.27 -12.71 -15.38
CA HIS B 189 3.98 -11.91 -14.19
C HIS B 189 4.45 -12.46 -12.85
N SER B 190 5.07 -13.64 -12.86
CA SER B 190 5.48 -14.28 -11.63
C SER B 190 6.79 -13.82 -10.99
N ARG B 191 6.81 -13.86 -9.66
CA ARG B 191 8.01 -13.53 -8.89
C ARG B 191 8.00 -14.42 -7.65
N THR B 192 9.19 -14.78 -7.19
CA THR B 192 9.31 -15.69 -6.06
C THR B 192 9.94 -15.03 -4.84
N VAL B 193 9.36 -15.32 -3.68
CA VAL B 193 9.88 -14.79 -2.43
C VAL B 193 10.33 -15.95 -1.57
N THR B 194 11.55 -15.86 -1.08
CA THR B 194 12.13 -16.86 -0.20
C THR B 194 12.66 -16.08 0.99
N SER B 195 12.82 -16.74 2.13
CA SER B 195 13.33 -16.06 3.31
C SER B 195 14.03 -16.99 4.29
N ALA B 196 14.68 -16.38 5.26
CA ALA B 196 15.40 -17.10 6.31
C ALA B 196 15.32 -16.24 7.55
N MET B 197 14.90 -16.84 8.66
CA MET B 197 14.75 -16.12 9.92
C MET B 197 15.55 -16.84 11.02
N LEU B 198 16.39 -16.08 11.71
CA LEU B 198 17.23 -16.63 12.77
C LEU B 198 17.11 -15.83 14.06
N GLY B 199 17.32 -16.51 15.19
CA GLY B 199 17.24 -15.85 16.49
C GLY B 199 15.87 -15.26 16.76
N VAL B 200 15.85 -14.02 17.25
CA VAL B 200 14.59 -13.36 17.56
C VAL B 200 13.66 -13.21 16.36
N PHE B 201 14.23 -13.22 15.15
CA PHE B 201 13.39 -13.11 13.95
C PHE B 201 12.62 -14.41 13.74
N ARG B 202 13.18 -15.52 14.23
CA ARG B 202 12.50 -16.81 14.10
C ARG B 202 11.60 -17.06 15.32
N GLU B 203 12.13 -16.69 16.50
CA GLU B 203 11.45 -16.90 17.78
C GLU B 203 10.38 -15.90 18.19
N ASN B 204 10.50 -14.65 17.72
CA ASN B 204 9.54 -13.60 18.08
C ASN B 204 8.68 -13.19 16.88
N GLN B 205 7.41 -13.59 16.93
CA GLN B 205 6.43 -13.29 15.90
C GLN B 205 6.31 -11.80 15.57
N LYS B 206 6.27 -10.97 16.62
CA LYS B 206 6.16 -9.53 16.46
C LYS B 206 7.38 -8.92 15.79
N THR B 207 8.56 -9.42 16.12
CA THR B 207 9.80 -8.94 15.54
C THR B 207 9.80 -9.19 14.03
N ARG B 208 9.50 -10.42 13.64
CA ARG B 208 9.46 -10.80 12.23
C ARG B 208 8.41 -9.97 11.49
N GLU B 209 7.26 -9.80 12.12
CA GLU B 209 6.16 -9.03 11.54
C GLU B 209 6.57 -7.58 11.33
N GLU B 210 7.30 -7.03 12.31
CA GLU B 210 7.77 -5.65 12.24
C GLU B 210 8.73 -5.50 11.06
N PHE B 211 9.59 -6.49 10.88
CA PHE B 211 10.56 -6.50 9.79
C PHE B 211 9.84 -6.58 8.43
N LEU B 212 8.90 -7.50 8.30
CA LEU B 212 8.14 -7.65 7.06
C LEU B 212 7.33 -6.42 6.72
N SER B 213 6.80 -5.76 7.76
CA SER B 213 6.00 -4.54 7.57
C SER B 213 6.85 -3.42 6.99
N HIS B 214 8.12 -3.35 7.40
CA HIS B 214 9.04 -2.34 6.89
C HIS B 214 9.26 -2.50 5.39
N LEU B 215 9.13 -3.73 4.89
CA LEU B 215 9.33 -4.02 3.47
C LEU B 215 8.15 -3.63 2.59
N ARG B 216 6.98 -3.43 3.19
CA ARG B 216 5.81 -3.03 2.42
C ARG B 216 5.78 -1.49 2.33
N VAL C 33 -9.76 -36.25 -28.09
CA VAL C 33 -10.75 -35.25 -28.59
C VAL C 33 -10.87 -35.31 -30.11
N ASP C 34 -12.09 -35.55 -30.58
CA ASP C 34 -12.36 -35.63 -32.01
C ASP C 34 -12.48 -34.24 -32.62
N LEU C 35 -11.40 -33.79 -33.25
CA LEU C 35 -11.36 -32.47 -33.87
C LEU C 35 -12.37 -32.32 -35.01
N GLU C 36 -12.56 -33.39 -35.77
CA GLU C 36 -13.50 -33.38 -36.90
C GLU C 36 -14.92 -33.09 -36.45
N ARG C 37 -15.31 -33.64 -35.30
CA ARG C 37 -16.64 -33.45 -34.75
C ARG C 37 -16.82 -32.01 -34.27
N LEU C 38 -15.77 -31.43 -33.67
CA LEU C 38 -15.82 -30.05 -33.21
C LEU C 38 -15.93 -29.10 -34.39
N GLN C 39 -15.19 -29.41 -35.46
CA GLN C 39 -15.21 -28.59 -36.67
C GLN C 39 -16.61 -28.52 -37.26
N ALA C 40 -17.31 -29.65 -37.26
CA ALA C 40 -18.67 -29.72 -37.78
C ALA C 40 -19.62 -28.93 -36.88
N LEU C 41 -19.43 -29.05 -35.57
CA LEU C 41 -20.25 -28.34 -34.60
C LEU C 41 -20.06 -26.83 -34.70
N ALA C 42 -18.80 -26.41 -34.80
CA ALA C 42 -18.46 -24.99 -34.92
C ALA C 42 -18.98 -24.42 -36.23
N ALA C 43 -18.99 -25.26 -37.27
CA ALA C 43 -19.48 -24.84 -38.58
C ALA C 43 -20.97 -24.55 -38.52
N GLU C 44 -21.70 -25.40 -37.82
CA GLU C 44 -23.15 -25.22 -37.67
C GLU C 44 -23.42 -24.05 -36.72
N TRP C 45 -22.53 -23.86 -35.75
CA TRP C 45 -22.67 -22.78 -34.78
C TRP C 45 -22.65 -21.43 -35.51
N LEU C 46 -21.73 -21.30 -36.46
CA LEU C 46 -21.58 -20.08 -37.22
C LEU C 46 -22.83 -19.67 -37.99
N GLN C 47 -23.52 -20.63 -38.61
CA GLN C 47 -24.73 -20.29 -39.36
C GLN C 47 -25.95 -19.99 -38.48
N VAL C 48 -26.09 -20.72 -37.38
CA VAL C 48 -27.22 -20.51 -36.47
C VAL C 48 -27.24 -19.12 -35.85
N ILE C 49 -26.05 -18.58 -35.54
CA ILE C 49 -25.98 -17.24 -34.94
C ILE C 49 -26.19 -16.13 -35.97
N GLY C 50 -26.31 -16.50 -37.25
CA GLY C 50 -26.54 -15.53 -38.29
C GLY C 50 -25.37 -15.23 -39.22
N GLU C 51 -24.26 -15.94 -39.04
CA GLU C 51 -23.09 -15.71 -39.89
C GLU C 51 -23.03 -16.62 -41.11
N ASP C 52 -22.11 -16.29 -42.01
CA ASP C 52 -21.91 -17.05 -43.24
C ASP C 52 -20.64 -17.88 -43.13
N PRO C 53 -20.79 -19.20 -42.87
CA PRO C 53 -19.67 -20.13 -42.74
C PRO C 53 -18.83 -20.22 -44.01
N GLY C 54 -19.39 -19.74 -45.12
CA GLY C 54 -18.69 -19.75 -46.38
C GLY C 54 -17.92 -18.48 -46.65
N ARG C 55 -18.03 -17.53 -45.71
CA ARG C 55 -17.34 -16.24 -45.80
C ARG C 55 -15.83 -16.43 -45.69
N GLU C 56 -15.09 -15.62 -46.46
CA GLU C 56 -13.63 -15.67 -46.48
C GLU C 56 -12.95 -15.86 -45.12
N GLY C 57 -13.20 -14.92 -44.20
CA GLY C 57 -12.60 -14.98 -42.88
C GLY C 57 -13.06 -16.07 -41.94
N LEU C 58 -14.13 -16.79 -42.32
CA LEU C 58 -14.66 -17.85 -41.47
C LEU C 58 -14.39 -19.27 -41.98
N LEU C 59 -13.84 -19.39 -43.18
CA LEU C 59 -13.54 -20.69 -43.79
C LEU C 59 -12.72 -21.61 -42.88
N LYS C 60 -11.65 -21.07 -42.31
CA LYS C 60 -10.76 -21.83 -41.44
C LYS C 60 -11.11 -21.73 -39.96
N THR C 61 -12.21 -21.04 -39.65
CA THR C 61 -12.63 -20.86 -38.26
C THR C 61 -12.98 -22.17 -37.54
N PRO C 62 -13.85 -23.02 -38.13
CA PRO C 62 -14.21 -24.28 -37.48
C PRO C 62 -12.99 -25.09 -37.06
N GLU C 63 -11.95 -25.09 -37.90
CA GLU C 63 -10.73 -25.81 -37.61
C GLU C 63 -9.96 -25.11 -36.47
N ARG C 64 -9.80 -23.80 -36.58
CA ARG C 64 -9.10 -23.01 -35.57
C ARG C 64 -9.73 -23.13 -34.18
N VAL C 65 -11.06 -23.15 -34.14
CA VAL C 65 -11.81 -23.27 -32.89
C VAL C 65 -11.65 -24.67 -32.28
N ALA C 66 -11.63 -25.69 -33.14
CA ALA C 66 -11.47 -27.06 -32.69
C ALA C 66 -10.14 -27.24 -31.96
N LYS C 67 -9.07 -26.75 -32.58
CA LYS C 67 -7.73 -26.83 -32.02
C LYS C 67 -7.63 -26.03 -30.73
N ALA C 68 -8.27 -24.86 -30.73
CA ALA C 68 -8.27 -23.99 -29.56
C ALA C 68 -8.85 -24.71 -28.36
N TRP C 69 -10.05 -25.27 -28.53
CA TRP C 69 -10.71 -25.98 -27.44
C TRP C 69 -10.01 -27.25 -26.99
N ALA C 70 -9.24 -27.87 -27.89
CA ALA C 70 -8.50 -29.07 -27.54
C ALA C 70 -7.40 -28.64 -26.57
N PHE C 71 -6.76 -27.52 -26.87
CA PHE C 71 -5.70 -26.97 -26.04
C PHE C 71 -6.27 -26.42 -24.72
N LEU C 72 -7.41 -25.73 -24.81
CA LEU C 72 -8.04 -25.14 -23.64
C LEU C 72 -8.64 -26.15 -22.65
N THR C 73 -8.69 -27.41 -23.06
CA THR C 73 -9.22 -28.47 -22.21
C THR C 73 -8.20 -29.58 -21.99
N ARG C 74 -6.97 -29.36 -22.44
CA ARG C 74 -5.89 -30.33 -22.31
C ARG C 74 -5.55 -30.69 -20.86
N GLY C 75 -5.98 -29.85 -19.93
CA GLY C 75 -5.72 -30.10 -18.52
C GLY C 75 -6.29 -31.42 -18.03
N TYR C 76 -7.45 -31.80 -18.57
CA TYR C 76 -8.11 -33.04 -18.21
C TYR C 76 -7.26 -34.26 -18.57
N ARG C 77 -6.47 -34.12 -19.63
CA ARG C 77 -5.64 -35.21 -20.13
C ARG C 77 -4.19 -35.23 -19.63
N GLN C 78 -3.90 -34.42 -18.63
CA GLN C 78 -2.56 -34.37 -18.06
C GLN C 78 -2.50 -35.18 -16.76
N ARG C 79 -1.30 -35.62 -16.39
CA ARG C 79 -1.11 -36.38 -15.16
C ARG C 79 -0.17 -35.59 -14.25
N LEU C 80 -0.61 -35.37 -13.02
CA LEU C 80 0.16 -34.63 -12.02
C LEU C 80 1.61 -35.10 -11.90
N GLU C 81 1.83 -36.39 -12.05
CA GLU C 81 3.16 -36.99 -11.95
C GLU C 81 4.06 -36.57 -13.11
N GLU C 82 3.49 -36.44 -14.30
CA GLU C 82 4.24 -36.04 -15.47
C GLU C 82 4.47 -34.54 -15.46
N VAL C 83 3.47 -33.80 -14.97
CA VAL C 83 3.53 -32.35 -14.88
C VAL C 83 4.66 -31.89 -13.95
N VAL C 84 4.77 -32.53 -12.80
CA VAL C 84 5.81 -32.20 -11.83
C VAL C 84 7.19 -32.73 -12.26
N GLY C 85 7.19 -33.77 -13.08
CA GLY C 85 8.43 -34.36 -13.53
C GLY C 85 9.15 -34.88 -12.29
N GLY C 86 10.46 -34.67 -12.22
CA GLY C 86 11.19 -35.13 -11.06
C GLY C 86 11.68 -33.97 -10.20
N ALA C 87 11.13 -32.78 -10.45
CA ALA C 87 11.53 -31.55 -9.76
C ALA C 87 11.16 -31.39 -8.29
N VAL C 88 11.60 -32.35 -7.48
CA VAL C 88 11.40 -32.31 -6.03
C VAL C 88 12.80 -32.42 -5.44
N PHE C 89 13.23 -31.33 -4.78
CA PHE C 89 14.57 -31.26 -4.20
C PHE C 89 14.53 -31.20 -2.67
N PRO C 90 15.69 -31.44 -2.03
CA PRO C 90 15.77 -31.39 -0.56
C PRO C 90 15.61 -29.94 -0.11
N ALA C 91 14.93 -29.74 1.03
CA ALA C 91 14.71 -28.40 1.55
C ALA C 91 16.00 -27.70 2.00
N GLU C 92 16.17 -26.45 1.56
CA GLU C 92 17.34 -25.66 1.91
C GLU C 92 17.14 -25.00 3.27
N GLY C 93 15.88 -24.93 3.68
CA GLY C 93 15.52 -24.34 4.96
C GLY C 93 14.06 -24.66 5.27
N SER C 94 13.58 -24.17 6.41
CA SER C 94 12.20 -24.41 6.82
C SER C 94 11.30 -23.20 6.66
N GLU C 95 11.82 -22.15 6.05
CA GLU C 95 11.06 -20.93 5.85
C GLU C 95 10.07 -20.97 4.69
N MET C 96 9.07 -20.12 4.77
CA MET C 96 8.02 -20.04 3.76
C MET C 96 8.54 -19.64 2.38
N VAL C 97 7.97 -20.26 1.36
CA VAL C 97 8.31 -19.98 -0.03
C VAL C 97 7.02 -19.47 -0.67
N VAL C 98 7.10 -18.32 -1.34
CA VAL C 98 5.93 -17.75 -1.98
C VAL C 98 6.18 -17.51 -3.47
N VAL C 99 5.34 -18.11 -4.30
CA VAL C 99 5.43 -17.93 -5.73
C VAL C 99 4.16 -17.17 -6.12
N LYS C 100 4.32 -15.86 -6.34
CA LYS C 100 3.18 -15.04 -6.67
C LYS C 100 3.11 -14.58 -8.11
N GLY C 101 1.91 -14.16 -8.52
CA GLY C 101 1.70 -13.65 -9.86
C GLY C 101 1.73 -14.64 -11.00
N VAL C 102 1.42 -15.91 -10.75
CA VAL C 102 1.40 -16.88 -11.83
C VAL C 102 0.11 -16.64 -12.59
N GLU C 103 0.21 -16.00 -13.76
CA GLU C 103 -1.00 -15.72 -14.53
C GLU C 103 -1.66 -17.02 -14.97
N PHE C 104 -2.99 -17.00 -15.04
CA PHE C 104 -3.76 -18.17 -15.45
C PHE C 104 -4.93 -17.71 -16.29
N TYR C 105 -5.45 -18.64 -17.10
CA TYR C 105 -6.60 -18.40 -17.94
C TYR C 105 -7.46 -19.65 -17.85
N SER C 106 -8.77 -19.47 -17.69
CA SER C 106 -9.67 -20.60 -17.59
C SER C 106 -11.01 -20.31 -18.26
N MET C 107 -11.91 -21.28 -18.21
CA MET C 107 -13.24 -21.14 -18.80
C MET C 107 -14.28 -21.50 -17.75
N CYS C 108 -15.24 -20.61 -17.51
CA CYS C 108 -16.28 -20.90 -16.52
C CYS C 108 -17.18 -22.00 -17.10
N GLU C 109 -17.47 -23.00 -16.27
CA GLU C 109 -18.30 -24.12 -16.69
C GLU C 109 -19.76 -23.71 -16.96
N HIS C 110 -20.14 -22.54 -16.46
CA HIS C 110 -21.49 -22.03 -16.62
C HIS C 110 -21.78 -21.39 -17.97
N HIS C 111 -20.83 -20.62 -18.50
CA HIS C 111 -21.02 -19.92 -19.78
C HIS C 111 -20.00 -20.24 -20.86
N LEU C 112 -18.97 -21.00 -20.52
CA LEU C 112 -17.92 -21.33 -21.47
C LEU C 112 -17.25 -20.04 -21.97
N LEU C 113 -17.13 -19.07 -21.06
CA LEU C 113 -16.48 -17.80 -21.35
C LEU C 113 -15.25 -17.73 -20.45
N PRO C 114 -14.17 -17.11 -20.94
CA PRO C 114 -12.93 -17.02 -20.15
C PRO C 114 -12.98 -16.18 -18.87
N PHE C 115 -12.22 -16.64 -17.88
CA PHE C 115 -12.02 -15.91 -16.65
C PHE C 115 -10.53 -16.07 -16.41
N PHE C 116 -9.88 -15.00 -15.96
CA PHE C 116 -8.44 -15.05 -15.82
C PHE C 116 -7.87 -14.07 -14.81
N GLY C 117 -6.60 -14.27 -14.49
CA GLY C 117 -5.94 -13.40 -13.53
C GLY C 117 -4.63 -13.98 -13.08
N LYS C 118 -4.47 -14.14 -11.77
CA LYS C 118 -3.24 -14.67 -11.22
C LYS C 118 -3.47 -15.62 -10.06
N VAL C 119 -2.51 -16.52 -9.85
CA VAL C 119 -2.56 -17.47 -8.76
C VAL C 119 -1.32 -17.19 -7.93
N HIS C 120 -1.50 -17.14 -6.61
CA HIS C 120 -0.41 -16.89 -5.68
C HIS C 120 -0.33 -18.13 -4.79
N ILE C 121 0.86 -18.70 -4.68
CA ILE C 121 1.09 -19.89 -3.89
C ILE C 121 2.12 -19.69 -2.79
N GLY C 122 1.82 -20.21 -1.61
CA GLY C 122 2.74 -20.13 -0.49
C GLY C 122 2.78 -21.45 0.24
N TYR C 123 3.97 -21.85 0.68
CA TYR C 123 4.10 -23.11 1.40
C TYR C 123 5.32 -23.17 2.29
N ILE C 124 5.22 -23.97 3.35
CA ILE C 124 6.31 -24.19 4.28
C ILE C 124 6.65 -25.66 4.10
N PRO C 125 7.84 -25.94 3.56
CA PRO C 125 8.31 -27.31 3.32
C PRO C 125 8.56 -28.11 4.58
N ASP C 126 8.36 -29.42 4.50
CA ASP C 126 8.61 -30.30 5.62
C ASP C 126 10.03 -30.83 5.44
N GLY C 127 10.37 -31.17 4.20
CA GLY C 127 11.69 -31.66 3.89
C GLY C 127 11.98 -31.62 2.40
N LYS C 128 10.97 -31.27 1.60
CA LYS C 128 11.11 -31.19 0.16
C LYS C 128 10.56 -29.90 -0.43
N ILE C 129 11.27 -29.34 -1.41
CA ILE C 129 10.84 -28.12 -2.10
C ILE C 129 10.58 -28.46 -3.57
N LEU C 130 9.63 -27.75 -4.18
CA LEU C 130 9.29 -27.99 -5.57
C LEU C 130 10.01 -27.04 -6.53
N GLY C 131 10.25 -27.50 -7.75
CA GLY C 131 10.87 -26.65 -8.75
C GLY C 131 9.87 -25.53 -9.00
N LEU C 132 10.32 -24.28 -8.97
CA LEU C 132 9.43 -23.13 -9.16
C LEU C 132 8.44 -23.20 -10.33
N SER C 133 8.93 -23.57 -11.51
CA SER C 133 8.08 -23.64 -12.70
C SER C 133 6.98 -24.70 -12.60
N LYS C 134 7.20 -25.71 -11.76
CA LYS C 134 6.21 -26.77 -11.61
C LYS C 134 4.91 -26.23 -11.02
N PHE C 135 5.02 -25.15 -10.25
CA PHE C 135 3.83 -24.52 -9.67
C PHE C 135 2.97 -24.01 -10.82
N ALA C 136 3.63 -23.42 -11.82
CA ALA C 136 2.97 -22.88 -13.00
C ALA C 136 2.35 -23.99 -13.85
N ARG C 137 3.05 -25.12 -13.96
CA ARG C 137 2.53 -26.24 -14.73
C ARG C 137 1.29 -26.83 -14.03
N ILE C 138 1.31 -26.88 -12.70
CA ILE C 138 0.16 -27.40 -11.96
C ILE C 138 -1.04 -26.46 -12.16
N VAL C 139 -0.79 -25.15 -12.09
CA VAL C 139 -1.84 -24.15 -12.29
C VAL C 139 -2.49 -24.34 -13.66
N ASP C 140 -1.67 -24.50 -14.70
CA ASP C 140 -2.19 -24.70 -16.06
C ASP C 140 -2.97 -26.01 -16.20
N MET C 141 -2.52 -27.05 -15.52
CA MET C 141 -3.18 -28.35 -15.57
C MET C 141 -4.65 -28.25 -15.14
N PHE C 142 -4.92 -27.49 -14.08
CA PHE C 142 -6.27 -27.33 -13.59
C PHE C 142 -7.04 -26.17 -14.22
N ALA C 143 -6.32 -25.16 -14.69
CA ALA C 143 -6.95 -23.99 -15.33
C ALA C 143 -7.50 -24.30 -16.71
N ARG C 144 -6.81 -25.17 -17.44
CA ARG C 144 -7.23 -25.53 -18.79
C ARG C 144 -8.28 -26.64 -18.75
N ARG C 145 -9.40 -26.28 -18.14
CA ARG C 145 -10.56 -27.13 -17.96
C ARG C 145 -11.75 -26.18 -17.83
N LEU C 146 -12.94 -26.73 -17.70
CA LEU C 146 -14.13 -25.91 -17.48
C LEU C 146 -14.12 -25.83 -15.96
N GLN C 147 -14.14 -24.62 -15.43
CA GLN C 147 -14.03 -24.44 -13.99
C GLN C 147 -14.96 -23.44 -13.32
N VAL C 148 -14.75 -23.36 -12.01
CA VAL C 148 -15.41 -22.46 -11.09
C VAL C 148 -14.19 -22.04 -10.28
N GLN C 149 -14.01 -20.74 -10.05
CA GLN C 149 -12.82 -20.26 -9.33
C GLN C 149 -12.59 -20.87 -7.96
N GLU C 150 -13.67 -21.16 -7.25
CA GLU C 150 -13.59 -21.74 -5.91
C GLU C 150 -12.90 -23.11 -5.96
N ARG C 151 -13.21 -23.90 -6.98
CA ARG C 151 -12.62 -25.24 -7.16
C ARG C 151 -11.16 -25.18 -7.60
N LEU C 152 -10.85 -24.22 -8.47
CA LEU C 152 -9.50 -24.06 -8.99
C LEU C 152 -8.47 -23.89 -7.86
N ALA C 153 -8.77 -23.02 -6.90
CA ALA C 153 -7.87 -22.78 -5.77
C ALA C 153 -7.64 -24.05 -4.96
N VAL C 154 -8.73 -24.79 -4.70
CA VAL C 154 -8.65 -26.03 -3.94
C VAL C 154 -7.85 -27.12 -4.64
N GLN C 155 -8.14 -27.35 -5.93
CA GLN C 155 -7.42 -28.37 -6.67
C GLN C 155 -5.92 -28.09 -6.77
N ILE C 156 -5.58 -26.81 -6.92
CA ILE C 156 -4.17 -26.42 -7.00
C ILE C 156 -3.48 -26.70 -5.67
N ALA C 157 -4.14 -26.32 -4.58
CA ALA C 157 -3.59 -26.54 -3.24
C ALA C 157 -3.44 -28.03 -2.93
N GLU C 158 -4.44 -28.82 -3.30
CA GLU C 158 -4.41 -30.27 -3.06
C GLU C 158 -3.31 -30.95 -3.86
N ALA C 159 -3.11 -30.50 -5.10
CA ALA C 159 -2.08 -31.06 -5.96
C ALA C 159 -0.70 -30.82 -5.35
N ILE C 160 -0.47 -29.62 -4.85
CA ILE C 160 0.81 -29.27 -4.24
C ILE C 160 1.03 -30.06 -2.95
N GLN C 161 -0.04 -30.22 -2.17
CA GLN C 161 0.00 -30.97 -0.92
C GLN C 161 0.38 -32.42 -1.20
N GLU C 162 -0.22 -32.99 -2.23
CA GLU C 162 0.01 -34.37 -2.65
C GLU C 162 1.45 -34.62 -3.12
N VAL C 163 2.00 -33.64 -3.84
CA VAL C 163 3.37 -33.75 -4.38
C VAL C 163 4.49 -33.50 -3.37
N LEU C 164 4.29 -32.55 -2.46
CA LEU C 164 5.33 -32.22 -1.50
C LEU C 164 5.10 -32.66 -0.06
N GLU C 165 3.84 -32.80 0.34
CA GLU C 165 3.49 -33.17 1.71
C GLU C 165 4.20 -32.21 2.67
N PRO C 166 4.06 -30.89 2.41
CA PRO C 166 4.70 -29.88 3.26
C PRO C 166 3.91 -29.66 4.55
N GLN C 167 4.45 -28.81 5.42
CA GLN C 167 3.78 -28.50 6.67
C GLN C 167 2.44 -27.81 6.40
N GLY C 168 2.32 -27.21 5.22
CA GLY C 168 1.09 -26.53 4.84
C GLY C 168 1.24 -25.82 3.51
N VAL C 169 0.11 -25.58 2.85
CA VAL C 169 0.07 -24.89 1.56
C VAL C 169 -1.05 -23.86 1.57
N GLY C 170 -0.81 -22.74 0.89
CA GLY C 170 -1.80 -21.69 0.79
C GLY C 170 -1.91 -21.26 -0.67
N VAL C 171 -3.13 -21.23 -1.19
CA VAL C 171 -3.34 -20.83 -2.58
C VAL C 171 -4.41 -19.74 -2.66
N VAL C 172 -4.08 -18.66 -3.36
CA VAL C 172 -4.99 -17.54 -3.55
C VAL C 172 -5.15 -17.31 -5.04
N VAL C 173 -6.39 -17.35 -5.53
CA VAL C 173 -6.67 -17.12 -6.94
C VAL C 173 -7.48 -15.83 -7.04
N GLU C 174 -7.05 -14.94 -7.91
CA GLU C 174 -7.73 -13.67 -8.12
C GLU C 174 -7.96 -13.48 -9.61
N GLY C 175 -9.21 -13.35 -10.01
CA GLY C 175 -9.48 -13.19 -11.42
C GLY C 175 -10.69 -12.37 -11.81
N VAL C 176 -10.73 -12.02 -13.08
CA VAL C 176 -11.84 -11.25 -13.64
C VAL C 176 -12.61 -12.23 -14.51
N HIS C 177 -13.92 -12.11 -14.50
CA HIS C 177 -14.78 -13.01 -15.25
C HIS C 177 -15.52 -12.30 -16.37
N LEU C 178 -15.20 -12.68 -17.60
CA LEU C 178 -15.84 -12.08 -18.76
C LEU C 178 -17.35 -12.30 -18.79
N CYS C 179 -17.81 -13.37 -18.16
CA CYS C 179 -19.25 -13.67 -18.14
C CYS C 179 -20.05 -12.62 -17.38
N MET C 180 -19.38 -11.85 -16.52
CA MET C 180 -20.09 -10.80 -15.79
C MET C 180 -19.62 -9.41 -16.24
N MET C 181 -18.73 -9.39 -17.22
CA MET C 181 -18.19 -8.15 -17.77
C MET C 181 -18.73 -7.86 -19.17
N MET C 182 -18.63 -8.83 -20.08
CA MET C 182 -19.10 -8.65 -21.45
C MET C 182 -20.56 -9.04 -21.68
N ARG C 183 -21.26 -9.39 -20.60
CA ARG C 183 -22.67 -9.78 -20.66
C ARG C 183 -23.29 -9.80 -19.26
N GLY C 184 -24.57 -10.18 -19.18
CA GLY C 184 -25.25 -10.23 -17.90
C GLY C 184 -25.27 -8.91 -17.16
N VAL C 185 -24.74 -8.91 -15.94
CA VAL C 185 -24.69 -7.70 -15.12
C VAL C 185 -23.78 -6.63 -15.73
N GLU C 186 -22.85 -7.05 -16.57
CA GLU C 186 -21.93 -6.15 -17.23
C GLU C 186 -21.14 -5.22 -16.28
N LYS C 187 -20.75 -5.75 -15.13
CA LYS C 187 -19.97 -4.97 -14.16
C LYS C 187 -18.53 -4.91 -14.68
N GLN C 188 -17.88 -3.76 -14.52
CA GLN C 188 -16.53 -3.58 -15.04
C GLN C 188 -15.36 -3.56 -14.04
N HIS C 189 -15.61 -3.07 -12.84
CA HIS C 189 -14.55 -2.96 -11.83
C HIS C 189 -14.35 -4.16 -10.91
N SER C 190 -15.18 -5.18 -11.05
CA SER C 190 -15.12 -6.34 -10.18
C SER C 190 -14.03 -7.39 -10.38
N ARG C 191 -13.55 -7.93 -9.25
CA ARG C 191 -12.53 -8.98 -9.21
C ARG C 191 -12.92 -9.96 -8.12
N THR C 192 -12.66 -11.25 -8.37
CA THR C 192 -13.00 -12.28 -7.39
C THR C 192 -11.76 -12.97 -6.84
N VAL C 193 -11.74 -13.13 -5.51
CA VAL C 193 -10.64 -13.80 -4.84
C VAL C 193 -11.16 -15.07 -4.18
N THR C 194 -10.51 -16.19 -4.47
CA THR C 194 -10.86 -17.47 -3.86
C THR C 194 -9.54 -18.00 -3.30
N SER C 195 -9.64 -18.82 -2.26
CA SER C 195 -8.44 -19.37 -1.65
C SER C 195 -8.62 -20.78 -1.12
N ALA C 196 -7.49 -21.38 -0.72
CA ALA C 196 -7.47 -22.73 -0.17
C ALA C 196 -6.27 -22.79 0.76
N MET C 197 -6.52 -23.17 2.01
CA MET C 197 -5.47 -23.26 3.02
C MET C 197 -5.41 -24.67 3.60
N LEU C 198 -4.25 -25.31 3.48
CA LEU C 198 -4.04 -26.66 3.99
C LEU C 198 -2.89 -26.69 4.99
N GLY C 199 -2.93 -27.67 5.91
CA GLY C 199 -1.88 -27.80 6.91
C GLY C 199 -1.72 -26.61 7.84
N VAL C 200 -0.48 -26.20 8.07
CA VAL C 200 -0.19 -25.05 8.94
C VAL C 200 -0.82 -23.75 8.45
N PHE C 201 -1.13 -23.68 7.15
CA PHE C 201 -1.76 -22.49 6.59
C PHE C 201 -3.22 -22.39 7.02
N ARG C 202 -3.81 -23.54 7.34
CA ARG C 202 -5.20 -23.59 7.81
C ARG C 202 -5.21 -23.50 9.33
N GLU C 203 -4.21 -24.10 9.97
CA GLU C 203 -4.08 -24.11 11.43
C GLU C 203 -3.62 -22.81 12.06
N ASN C 204 -2.36 -22.45 11.82
CA ASN C 204 -1.80 -21.23 12.39
C ASN C 204 -2.22 -19.97 11.63
N GLN C 205 -3.04 -19.15 12.28
CA GLN C 205 -3.54 -17.91 11.71
C GLN C 205 -2.40 -16.95 11.38
N LYS C 206 -1.35 -16.98 12.21
CA LYS C 206 -0.19 -16.12 12.02
C LYS C 206 0.58 -16.48 10.74
N THR C 207 0.59 -17.76 10.39
CA THR C 207 1.25 -18.24 9.18
C THR C 207 0.47 -17.78 7.94
N ARG C 208 -0.84 -18.01 7.97
CA ARG C 208 -1.71 -17.62 6.86
C ARG C 208 -1.60 -16.11 6.65
N GLU C 209 -1.57 -15.37 7.77
CA GLU C 209 -1.47 -13.92 7.77
C GLU C 209 -0.16 -13.44 7.12
N GLU C 210 0.95 -14.08 7.46
CA GLU C 210 2.24 -13.72 6.89
C GLU C 210 2.28 -14.00 5.39
N PHE C 211 1.59 -15.06 4.96
CA PHE C 211 1.53 -15.41 3.54
C PHE C 211 0.73 -14.34 2.79
N LEU C 212 -0.44 -14.00 3.32
CA LEU C 212 -1.29 -12.99 2.70
C LEU C 212 -0.63 -11.61 2.70
N SER C 213 0.21 -11.33 3.70
CA SER C 213 0.89 -10.04 3.78
C SER C 213 1.92 -9.89 2.67
N HIS C 214 2.55 -11.00 2.29
CA HIS C 214 3.53 -11.01 1.22
C HIS C 214 2.89 -10.67 -0.13
N LEU C 215 1.58 -10.92 -0.23
CA LEU C 215 0.84 -10.66 -1.46
C LEU C 215 0.45 -9.19 -1.66
N ARG C 216 0.42 -8.43 -0.57
CA ARG C 216 0.08 -7.02 -0.65
C ARG C 216 1.33 -6.18 -0.96
N VAL D 33 -44.54 2.18 -12.34
CA VAL D 33 -44.86 3.58 -11.94
C VAL D 33 -45.55 4.33 -13.08
N ASP D 34 -46.24 5.41 -12.72
CA ASP D 34 -46.96 6.25 -13.68
C ASP D 34 -46.03 7.24 -14.39
N LEU D 35 -45.56 6.87 -15.57
CA LEU D 35 -44.67 7.72 -16.36
C LEU D 35 -45.31 9.04 -16.76
N GLU D 36 -46.61 9.02 -17.03
CA GLU D 36 -47.33 10.24 -17.41
C GLU D 36 -47.33 11.27 -16.30
N ARG D 37 -47.47 10.79 -15.06
CA ARG D 37 -47.48 11.70 -13.92
C ARG D 37 -46.06 12.24 -13.69
N LEU D 38 -45.06 11.38 -13.86
CA LEU D 38 -43.68 11.81 -13.69
C LEU D 38 -43.33 12.85 -14.75
N GLN D 39 -43.76 12.61 -15.98
CA GLN D 39 -43.50 13.56 -17.06
C GLN D 39 -44.11 14.94 -16.78
N ALA D 40 -45.34 14.93 -16.27
CA ALA D 40 -46.03 16.19 -15.95
C ALA D 40 -45.32 16.94 -14.83
N LEU D 41 -44.86 16.20 -13.83
CA LEU D 41 -44.15 16.80 -12.71
C LEU D 41 -42.81 17.37 -13.16
N ALA D 42 -42.12 16.62 -14.03
CA ALA D 42 -40.81 17.02 -14.55
C ALA D 42 -40.90 18.24 -15.45
N ALA D 43 -41.97 18.31 -16.25
CA ALA D 43 -42.18 19.45 -17.15
C ALA D 43 -42.38 20.71 -16.32
N GLU D 44 -43.09 20.57 -15.21
CA GLU D 44 -43.37 21.70 -14.34
C GLU D 44 -42.12 22.09 -13.56
N TRP D 45 -41.30 21.09 -13.23
CA TRP D 45 -40.06 21.32 -12.49
C TRP D 45 -39.19 22.24 -13.35
N LEU D 46 -39.12 21.94 -14.65
CA LEU D 46 -38.35 22.74 -15.59
C LEU D 46 -38.78 24.22 -15.54
N GLN D 47 -40.09 24.45 -15.54
CA GLN D 47 -40.63 25.80 -15.50
C GLN D 47 -40.28 26.55 -14.23
N VAL D 48 -40.53 25.92 -13.08
CA VAL D 48 -40.26 26.54 -11.78
C VAL D 48 -38.81 26.95 -11.55
N ILE D 49 -37.86 26.13 -11.98
CA ILE D 49 -36.45 26.47 -11.77
C ILE D 49 -35.95 27.57 -12.69
N GLY D 50 -36.81 28.01 -13.61
CA GLY D 50 -36.45 29.07 -14.53
C GLY D 50 -36.20 28.67 -15.96
N GLU D 51 -36.43 27.40 -16.31
CA GLU D 51 -36.21 26.94 -17.67
C GLU D 51 -37.43 27.00 -18.59
N ASP D 52 -37.21 26.67 -19.85
CA ASP D 52 -38.26 26.69 -20.86
C ASP D 52 -38.47 25.29 -21.44
N PRO D 53 -39.55 24.61 -21.02
CA PRO D 53 -39.90 23.26 -21.47
C PRO D 53 -40.11 23.22 -22.99
N GLY D 54 -40.28 24.41 -23.57
CA GLY D 54 -40.47 24.51 -25.01
C GLY D 54 -39.18 24.50 -25.81
N ARG D 55 -38.04 24.69 -25.12
CA ARG D 55 -36.71 24.67 -25.76
C ARG D 55 -36.49 23.37 -26.49
N GLU D 56 -35.80 23.45 -27.63
CA GLU D 56 -35.48 22.27 -28.45
C GLU D 56 -34.79 21.17 -27.63
N GLY D 57 -33.79 21.56 -26.83
CA GLY D 57 -33.06 20.59 -26.02
C GLY D 57 -33.83 20.00 -24.85
N LEU D 58 -34.91 20.66 -24.44
CA LEU D 58 -35.73 20.20 -23.31
C LEU D 58 -37.06 19.54 -23.70
N LEU D 59 -37.37 19.53 -24.99
CA LEU D 59 -38.63 18.95 -25.48
C LEU D 59 -38.92 17.52 -25.02
N LYS D 60 -37.92 16.64 -25.09
CA LYS D 60 -38.12 15.26 -24.68
C LYS D 60 -37.59 14.97 -23.28
N THR D 61 -37.16 16.00 -22.56
CA THR D 61 -36.60 15.83 -21.23
C THR D 61 -37.56 15.24 -20.18
N PRO D 62 -38.80 15.76 -20.08
CA PRO D 62 -39.73 15.20 -19.08
C PRO D 62 -39.94 13.71 -19.28
N GLU D 63 -39.99 13.28 -20.54
CA GLU D 63 -40.15 11.88 -20.89
C GLU D 63 -38.91 11.08 -20.48
N ARG D 64 -37.73 11.60 -20.82
CA ARG D 64 -36.46 10.94 -20.47
C ARG D 64 -36.28 10.84 -18.96
N VAL D 65 -36.66 11.88 -18.23
CA VAL D 65 -36.54 11.90 -16.78
C VAL D 65 -37.46 10.86 -16.12
N ALA D 66 -38.67 10.70 -16.66
CA ALA D 66 -39.62 9.74 -16.13
C ALA D 66 -39.11 8.30 -16.27
N LYS D 67 -38.65 7.97 -17.46
CA LYS D 67 -38.12 6.63 -17.73
C LYS D 67 -36.89 6.35 -16.88
N ALA D 68 -36.02 7.36 -16.77
CA ALA D 68 -34.79 7.25 -15.99
C ALA D 68 -35.12 6.91 -14.55
N TRP D 69 -36.05 7.65 -13.96
CA TRP D 69 -36.45 7.43 -12.57
C TRP D 69 -37.15 6.10 -12.34
N ALA D 70 -37.82 5.58 -13.36
CA ALA D 70 -38.49 4.29 -13.27
C ALA D 70 -37.39 3.24 -13.15
N PHE D 71 -36.33 3.43 -13.94
CA PHE D 71 -35.19 2.54 -13.94
C PHE D 71 -34.41 2.66 -12.63
N LEU D 72 -34.21 3.89 -12.16
CA LEU D 72 -33.45 4.15 -10.93
C LEU D 72 -34.13 3.68 -9.64
N THR D 73 -35.42 3.35 -9.72
CA THR D 73 -36.16 2.90 -8.55
C THR D 73 -36.70 1.48 -8.74
N ARG D 74 -36.27 0.81 -9.81
CA ARG D 74 -36.72 -0.54 -10.13
C ARG D 74 -36.40 -1.57 -9.05
N GLY D 75 -35.45 -1.24 -8.18
CA GLY D 75 -35.07 -2.14 -7.11
C GLY D 75 -36.18 -2.44 -6.12
N TYR D 76 -37.08 -1.49 -5.91
CA TYR D 76 -38.21 -1.67 -5.01
C TYR D 76 -39.13 -2.78 -5.51
N ARG D 77 -39.21 -2.92 -6.84
CA ARG D 77 -40.08 -3.91 -7.46
C ARG D 77 -39.43 -5.26 -7.79
N GLN D 78 -38.19 -5.46 -7.36
CA GLN D 78 -37.51 -6.74 -7.64
C GLN D 78 -37.68 -7.72 -6.49
N ARG D 79 -37.60 -9.01 -6.81
CA ARG D 79 -37.73 -10.08 -5.82
C ARG D 79 -36.40 -10.80 -5.70
N LEU D 80 -35.88 -10.90 -4.48
CA LEU D 80 -34.60 -11.56 -4.22
C LEU D 80 -34.52 -12.95 -4.84
N GLU D 81 -35.62 -13.69 -4.75
CA GLU D 81 -35.70 -15.05 -5.29
C GLU D 81 -35.45 -15.09 -6.80
N GLU D 82 -36.00 -14.11 -7.50
CA GLU D 82 -35.85 -14.02 -8.96
C GLU D 82 -34.48 -13.48 -9.35
N VAL D 83 -33.93 -12.62 -8.50
CA VAL D 83 -32.62 -12.01 -8.71
C VAL D 83 -31.54 -13.11 -8.69
N VAL D 84 -31.66 -14.04 -7.74
CA VAL D 84 -30.70 -15.14 -7.59
C VAL D 84 -30.79 -16.12 -8.77
N GLY D 85 -31.99 -16.27 -9.33
CA GLY D 85 -32.20 -17.16 -10.45
C GLY D 85 -31.77 -18.60 -10.20
N GLY D 86 -31.85 -19.02 -8.94
CA GLY D 86 -31.47 -20.37 -8.57
C GLY D 86 -29.99 -20.69 -8.78
N ALA D 87 -29.16 -19.66 -8.85
CA ALA D 87 -27.73 -19.86 -9.05
C ALA D 87 -26.97 -20.09 -7.75
N VAL D 88 -27.42 -21.10 -7.00
CA VAL D 88 -26.79 -21.47 -5.74
C VAL D 88 -26.23 -22.88 -5.96
N PHE D 89 -24.90 -22.98 -5.94
CA PHE D 89 -24.22 -24.24 -6.18
C PHE D 89 -23.59 -24.81 -4.91
N PRO D 90 -23.25 -26.11 -4.92
CA PRO D 90 -22.62 -26.73 -3.75
C PRO D 90 -21.22 -26.17 -3.54
N ALA D 91 -20.86 -25.95 -2.28
CA ALA D 91 -19.54 -25.42 -1.92
C ALA D 91 -18.40 -26.30 -2.39
N GLU D 92 -17.35 -25.68 -2.91
CA GLU D 92 -16.16 -26.40 -3.39
C GLU D 92 -15.12 -26.51 -2.29
N GLY D 93 -15.26 -25.66 -1.27
CA GLY D 93 -14.34 -25.64 -0.14
C GLY D 93 -14.94 -24.86 1.01
N SER D 94 -14.14 -24.62 2.05
CA SER D 94 -14.60 -23.89 3.22
C SER D 94 -13.94 -22.51 3.33
N GLU D 95 -13.03 -22.22 2.41
CA GLU D 95 -12.31 -20.96 2.42
C GLU D 95 -13.13 -19.75 2.00
N MET D 96 -12.69 -18.57 2.46
CA MET D 96 -13.35 -17.32 2.18
C MET D 96 -13.37 -16.96 0.69
N VAL D 97 -14.53 -16.48 0.23
CA VAL D 97 -14.72 -16.05 -1.15
C VAL D 97 -14.90 -14.53 -1.05
N VAL D 98 -14.15 -13.78 -1.85
CA VAL D 98 -14.26 -12.31 -1.83
C VAL D 98 -14.56 -11.78 -3.21
N VAL D 99 -15.69 -11.10 -3.34
CA VAL D 99 -16.08 -10.48 -4.60
C VAL D 99 -15.94 -8.98 -4.36
N LYS D 100 -14.88 -8.40 -4.89
CA LYS D 100 -14.66 -6.97 -4.68
C LYS D 100 -14.82 -6.09 -5.90
N GLY D 101 -14.92 -4.77 -5.65
CA GLY D 101 -15.06 -3.81 -6.72
C GLY D 101 -16.35 -3.83 -7.52
N VAL D 102 -17.45 -4.25 -6.92
CA VAL D 102 -18.73 -4.25 -7.63
C VAL D 102 -19.23 -2.80 -7.63
N GLU D 103 -19.08 -2.09 -8.75
CA GLU D 103 -19.52 -0.71 -8.79
C GLU D 103 -21.03 -0.61 -8.59
N PHE D 104 -21.46 0.47 -7.94
CA PHE D 104 -22.87 0.68 -7.69
C PHE D 104 -23.23 2.14 -7.78
N TYR D 105 -24.49 2.41 -8.09
CA TYR D 105 -24.99 3.78 -8.16
C TYR D 105 -26.31 3.79 -7.42
N SER D 106 -26.50 4.80 -6.59
CA SER D 106 -27.74 4.93 -5.82
C SER D 106 -28.11 6.41 -5.67
N MET D 107 -29.25 6.65 -5.03
CA MET D 107 -29.75 8.00 -4.80
C MET D 107 -29.98 8.18 -3.31
N CYS D 108 -29.51 9.29 -2.74
CA CYS D 108 -29.72 9.54 -1.32
C CYS D 108 -31.15 9.99 -1.08
N GLU D 109 -31.80 9.40 -0.08
CA GLU D 109 -33.18 9.74 0.22
C GLU D 109 -33.35 11.15 0.75
N HIS D 110 -32.24 11.76 1.16
CA HIS D 110 -32.27 13.12 1.71
C HIS D 110 -32.31 14.24 0.67
N HIS D 111 -31.60 14.08 -0.44
CA HIS D 111 -31.55 15.10 -1.49
C HIS D 111 -31.91 14.60 -2.89
N LEU D 112 -32.08 13.30 -3.02
CA LEU D 112 -32.41 12.70 -4.31
C LEU D 112 -31.28 12.97 -5.32
N LEU D 113 -30.05 12.94 -4.82
CA LEU D 113 -28.86 13.14 -5.63
C LEU D 113 -28.07 11.84 -5.57
N PRO D 114 -27.38 11.48 -6.65
CA PRO D 114 -26.61 10.25 -6.68
C PRO D 114 -25.41 10.17 -5.74
N PHE D 115 -25.15 8.96 -5.28
CA PHE D 115 -23.98 8.61 -4.48
C PHE D 115 -23.60 7.27 -5.07
N PHE D 116 -22.32 7.08 -5.32
CA PHE D 116 -21.86 5.87 -5.97
C PHE D 116 -20.46 5.47 -5.58
N GLY D 117 -20.08 4.28 -6.00
CA GLY D 117 -18.76 3.77 -5.68
C GLY D 117 -18.67 2.29 -5.92
N LYS D 118 -18.23 1.55 -4.90
CA LYS D 118 -18.06 0.13 -5.04
C LYS D 118 -18.51 -0.61 -3.79
N VAL D 119 -18.85 -1.88 -4.00
CA VAL D 119 -19.28 -2.77 -2.94
C VAL D 119 -18.35 -3.98 -2.95
N HIS D 120 -17.84 -4.33 -1.77
CA HIS D 120 -16.94 -5.47 -1.61
C HIS D 120 -17.65 -6.47 -0.72
N ILE D 121 -17.71 -7.72 -1.17
CA ILE D 121 -18.40 -8.78 -0.43
C ILE D 121 -17.49 -9.96 -0.11
N GLY D 122 -17.52 -10.39 1.15
CA GLY D 122 -16.73 -11.53 1.57
C GLY D 122 -17.59 -12.49 2.37
N TYR D 123 -17.43 -13.79 2.14
CA TYR D 123 -18.21 -14.79 2.89
C TYR D 123 -17.55 -16.15 2.94
N ILE D 124 -17.89 -16.90 3.98
CA ILE D 124 -17.41 -18.25 4.18
C ILE D 124 -18.65 -19.14 4.06
N PRO D 125 -18.70 -19.97 3.02
CA PRO D 125 -19.83 -20.87 2.75
C PRO D 125 -20.09 -21.95 3.80
N ASP D 126 -21.27 -22.54 3.70
CA ASP D 126 -21.70 -23.62 4.58
C ASP D 126 -22.46 -24.56 3.65
N GLY D 127 -21.70 -25.19 2.75
CA GLY D 127 -22.28 -26.11 1.78
C GLY D 127 -22.83 -25.44 0.54
N LYS D 128 -22.97 -24.11 0.58
CA LYS D 128 -23.50 -23.36 -0.56
C LYS D 128 -22.69 -22.15 -0.98
N ILE D 129 -22.51 -22.00 -2.28
CA ILE D 129 -21.79 -20.85 -2.86
C ILE D 129 -22.74 -20.23 -3.87
N LEU D 130 -22.62 -18.91 -4.07
CA LEU D 130 -23.49 -18.21 -5.00
C LEU D 130 -22.80 -17.95 -6.34
N GLY D 131 -23.60 -17.81 -7.39
CA GLY D 131 -23.05 -17.50 -8.70
C GLY D 131 -22.51 -16.08 -8.57
N LEU D 132 -21.27 -15.87 -8.97
CA LEU D 132 -20.63 -14.55 -8.83
C LEU D 132 -21.47 -13.35 -9.27
N SER D 133 -22.11 -13.46 -10.43
CA SER D 133 -22.94 -12.39 -10.98
C SER D 133 -24.14 -12.03 -10.11
N LYS D 134 -24.66 -12.99 -9.35
CA LYS D 134 -25.81 -12.74 -8.50
C LYS D 134 -25.51 -11.73 -7.40
N PHE D 135 -24.24 -11.63 -7.00
CA PHE D 135 -23.85 -10.65 -5.99
C PHE D 135 -24.06 -9.25 -6.56
N ALA D 136 -23.72 -9.09 -7.84
CA ALA D 136 -23.90 -7.81 -8.52
C ALA D 136 -25.38 -7.49 -8.69
N ARG D 137 -26.19 -8.51 -8.97
CA ARG D 137 -27.63 -8.33 -9.11
C ARG D 137 -28.27 -7.96 -7.77
N ILE D 138 -27.75 -8.52 -6.68
CA ILE D 138 -28.27 -8.20 -5.35
C ILE D 138 -27.92 -6.75 -5.01
N VAL D 139 -26.71 -6.33 -5.38
CA VAL D 139 -26.26 -4.95 -5.14
C VAL D 139 -27.19 -3.97 -5.86
N ASP D 140 -27.44 -4.22 -7.14
CA ASP D 140 -28.31 -3.34 -7.93
C ASP D 140 -29.73 -3.27 -7.40
N MET D 141 -30.23 -4.40 -6.88
CA MET D 141 -31.58 -4.48 -6.34
C MET D 141 -31.77 -3.49 -5.19
N PHE D 142 -30.78 -3.38 -4.32
CA PHE D 142 -30.87 -2.47 -3.19
C PHE D 142 -30.35 -1.06 -3.46
N ALA D 143 -29.44 -0.94 -4.44
CA ALA D 143 -28.88 0.37 -4.80
C ALA D 143 -29.89 1.21 -5.59
N ARG D 144 -30.66 0.54 -6.44
CA ARG D 144 -31.65 1.21 -7.27
C ARG D 144 -32.94 1.54 -6.52
N ARG D 145 -32.74 2.31 -5.45
CA ARG D 145 -33.80 2.78 -4.56
C ARG D 145 -33.28 4.07 -3.98
N LEU D 146 -34.09 4.71 -3.13
CA LEU D 146 -33.65 5.90 -2.44
C LEU D 146 -32.98 5.26 -1.22
N GLN D 147 -31.77 5.69 -0.89
CA GLN D 147 -31.03 5.07 0.19
C GLN D 147 -30.24 5.96 1.12
N VAL D 148 -29.62 5.30 2.11
CA VAL D 148 -28.68 5.90 3.06
C VAL D 148 -27.59 4.82 2.95
N GLN D 149 -26.32 5.21 2.89
CA GLN D 149 -25.25 4.22 2.71
C GLN D 149 -25.13 3.17 3.80
N GLU D 150 -25.44 3.55 5.02
CA GLU D 150 -25.40 2.65 6.17
C GLU D 150 -26.39 1.50 6.00
N ARG D 151 -27.56 1.80 5.43
CA ARG D 151 -28.61 0.81 5.19
C ARG D 151 -28.27 -0.12 4.04
N LEU D 152 -27.76 0.47 2.96
CA LEU D 152 -27.39 -0.28 1.77
C LEU D 152 -26.49 -1.47 2.11
N ALA D 153 -25.49 -1.23 2.96
CA ALA D 153 -24.58 -2.29 3.35
C ALA D 153 -25.28 -3.41 4.11
N VAL D 154 -26.14 -3.03 5.06
CA VAL D 154 -26.89 -4.01 5.86
C VAL D 154 -27.83 -4.86 5.02
N GLN D 155 -28.61 -4.21 4.15
CA GLN D 155 -29.54 -4.92 3.30
C GLN D 155 -28.86 -5.91 2.35
N ILE D 156 -27.72 -5.51 1.80
CA ILE D 156 -26.98 -6.40 0.89
C ILE D 156 -26.51 -7.64 1.65
N ALA D 157 -25.92 -7.42 2.83
CA ALA D 157 -25.42 -8.49 3.67
C ALA D 157 -26.54 -9.44 4.13
N GLU D 158 -27.67 -8.87 4.51
CA GLU D 158 -28.81 -9.67 4.96
C GLU D 158 -29.42 -10.48 3.83
N ALA D 159 -29.37 -9.94 2.62
CA ALA D 159 -29.89 -10.62 1.44
C ALA D 159 -29.02 -11.83 1.13
N ILE D 160 -27.70 -11.69 1.29
CA ILE D 160 -26.76 -12.78 1.03
C ILE D 160 -26.90 -13.87 2.11
N GLN D 161 -27.15 -13.43 3.34
CA GLN D 161 -27.32 -14.36 4.47
C GLN D 161 -28.59 -15.20 4.30
N GLU D 162 -29.60 -14.63 3.65
CA GLU D 162 -30.87 -15.35 3.43
C GLU D 162 -30.76 -16.34 2.26
N VAL D 163 -30.19 -15.88 1.15
CA VAL D 163 -30.02 -16.71 -0.05
C VAL D 163 -29.13 -17.92 0.24
N LEU D 164 -27.93 -17.64 0.71
CA LEU D 164 -26.99 -18.68 1.08
C LEU D 164 -27.03 -18.59 2.59
N GLU D 165 -26.81 -19.70 3.28
CA GLU D 165 -26.80 -19.64 4.74
C GLU D 165 -25.39 -20.03 5.14
N PRO D 166 -24.41 -19.15 4.87
CA PRO D 166 -23.00 -19.35 5.16
C PRO D 166 -22.66 -19.14 6.63
N GLN D 167 -21.40 -19.44 6.98
CA GLN D 167 -20.91 -19.27 8.33
C GLN D 167 -20.88 -17.79 8.68
N GLY D 168 -20.71 -16.96 7.65
CA GLY D 168 -20.67 -15.53 7.85
C GLY D 168 -20.58 -14.75 6.55
N VAL D 169 -20.92 -13.47 6.61
CA VAL D 169 -20.87 -12.59 5.45
C VAL D 169 -20.35 -11.22 5.88
N GLY D 170 -19.60 -10.58 4.99
CA GLY D 170 -19.07 -9.25 5.27
C GLY D 170 -19.28 -8.38 4.04
N VAL D 171 -19.83 -7.19 4.23
CA VAL D 171 -20.08 -6.27 3.13
C VAL D 171 -19.50 -4.90 3.45
N VAL D 172 -18.73 -4.37 2.51
CA VAL D 172 -18.12 -3.04 2.68
C VAL D 172 -18.54 -2.18 1.49
N VAL D 173 -19.17 -1.04 1.80
CA VAL D 173 -19.59 -0.12 0.75
C VAL D 173 -18.76 1.15 0.88
N GLU D 174 -18.15 1.55 -0.23
CA GLU D 174 -17.35 2.76 -0.26
C GLU D 174 -17.89 3.65 -1.36
N GLY D 175 -18.31 4.86 -0.98
CA GLY D 175 -18.86 5.74 -1.98
C GLY D 175 -18.64 7.21 -1.80
N VAL D 176 -18.84 7.93 -2.89
CA VAL D 176 -18.72 9.36 -2.88
C VAL D 176 -20.14 9.87 -3.03
N HIS D 177 -20.44 10.96 -2.34
CA HIS D 177 -21.78 11.54 -2.34
C HIS D 177 -21.87 12.91 -3.00
N LEU D 178 -22.63 12.99 -4.09
CA LEU D 178 -22.78 14.26 -4.79
C LEU D 178 -23.46 15.35 -3.97
N CYS D 179 -24.27 14.97 -2.99
CA CYS D 179 -24.95 15.98 -2.18
C CYS D 179 -23.95 16.69 -1.25
N MET D 180 -22.75 16.12 -1.14
CA MET D 180 -21.68 16.71 -0.31
C MET D 180 -20.65 17.41 -1.18
N MET D 181 -20.67 17.07 -2.48
CA MET D 181 -19.70 17.59 -3.44
C MET D 181 -20.17 18.73 -4.35
N MET D 182 -21.37 18.60 -4.92
CA MET D 182 -21.87 19.62 -5.83
C MET D 182 -22.76 20.70 -5.20
N ARG D 183 -22.92 20.62 -3.87
CA ARG D 183 -23.74 21.56 -3.12
C ARG D 183 -23.41 21.44 -1.63
N GLY D 184 -24.08 22.24 -0.80
CA GLY D 184 -23.85 22.20 0.64
C GLY D 184 -22.42 22.51 1.05
N VAL D 185 -21.76 21.56 1.71
CA VAL D 185 -20.39 21.73 2.17
C VAL D 185 -19.35 21.75 1.05
N GLU D 186 -19.74 21.24 -0.12
CA GLU D 186 -18.87 21.19 -1.29
C GLU D 186 -17.46 20.65 -1.04
N LYS D 187 -17.37 19.54 -0.31
CA LYS D 187 -16.09 18.90 -0.03
C LYS D 187 -15.79 18.03 -1.25
N GLN D 188 -14.53 18.03 -1.69
CA GLN D 188 -14.14 17.28 -2.88
C GLN D 188 -13.37 15.98 -2.69
N HIS D 189 -12.62 15.88 -1.61
CA HIS D 189 -11.79 14.69 -1.36
C HIS D 189 -12.41 13.60 -0.49
N SER D 190 -13.58 13.87 0.06
CA SER D 190 -14.24 12.92 0.94
C SER D 190 -14.85 11.68 0.30
N ARG D 191 -14.82 10.59 1.08
CA ARG D 191 -15.35 9.30 0.66
C ARG D 191 -15.90 8.65 1.94
N THR D 192 -17.01 7.91 1.84
CA THR D 192 -17.58 7.26 3.02
C THR D 192 -17.58 5.75 2.90
N VAL D 193 -17.22 5.10 4.00
CA VAL D 193 -17.18 3.65 4.08
C VAL D 193 -18.16 3.22 5.16
N THR D 194 -19.03 2.28 4.79
CA THR D 194 -20.00 1.72 5.70
C THR D 194 -19.86 0.21 5.52
N SER D 195 -20.29 -0.57 6.50
CA SER D 195 -20.17 -2.01 6.41
C SER D 195 -21.24 -2.76 7.22
N ALA D 196 -21.25 -4.08 7.06
CA ALA D 196 -22.16 -4.96 7.78
C ALA D 196 -21.49 -6.31 7.88
N MET D 197 -21.38 -6.82 9.10
CA MET D 197 -20.75 -8.11 9.37
C MET D 197 -21.76 -9.07 10.00
N LEU D 198 -21.86 -10.27 9.44
CA LEU D 198 -22.80 -11.28 9.94
C LEU D 198 -22.08 -12.59 10.16
N GLY D 199 -22.57 -13.38 11.12
CA GLY D 199 -21.98 -14.68 11.42
C GLY D 199 -20.56 -14.58 11.92
N VAL D 200 -19.68 -15.41 11.37
CA VAL D 200 -18.26 -15.44 11.76
C VAL D 200 -17.53 -14.13 11.48
N PHE D 201 -18.02 -13.34 10.52
CA PHE D 201 -17.40 -12.06 10.18
C PHE D 201 -17.61 -11.05 11.31
N ARG D 202 -18.65 -11.28 12.12
CA ARG D 202 -18.95 -10.42 13.25
C ARG D 202 -18.33 -11.04 14.51
N GLU D 203 -18.36 -12.38 14.56
CA GLU D 203 -17.82 -13.14 15.68
C GLU D 203 -16.30 -13.20 15.69
N ASN D 204 -15.73 -13.88 14.70
CA ASN D 204 -14.29 -14.05 14.56
C ASN D 204 -13.62 -12.76 14.05
N GLN D 205 -12.83 -12.15 14.92
CA GLN D 205 -12.12 -10.90 14.60
C GLN D 205 -11.06 -11.11 13.51
N LYS D 206 -10.36 -12.24 13.57
CA LYS D 206 -9.31 -12.55 12.61
C LYS D 206 -9.88 -12.79 11.21
N THR D 207 -11.13 -13.25 11.17
CA THR D 207 -11.80 -13.51 9.91
C THR D 207 -12.16 -12.18 9.25
N ARG D 208 -12.69 -11.25 10.05
CA ARG D 208 -13.06 -9.93 9.57
C ARG D 208 -11.81 -9.21 9.09
N GLU D 209 -10.75 -9.29 9.88
CA GLU D 209 -9.47 -8.66 9.58
C GLU D 209 -8.89 -9.19 8.27
N GLU D 210 -9.02 -10.50 8.04
CA GLU D 210 -8.53 -11.13 6.83
C GLU D 210 -9.32 -10.66 5.61
N PHE D 211 -10.63 -10.49 5.78
CA PHE D 211 -11.50 -10.01 4.71
C PHE D 211 -11.11 -8.58 4.33
N LEU D 212 -10.94 -7.73 5.35
CA LEU D 212 -10.58 -6.32 5.14
C LEU D 212 -9.21 -6.18 4.49
N SER D 213 -8.27 -7.03 4.87
CA SER D 213 -6.92 -7.02 4.31
C SER D 213 -6.94 -7.28 2.81
N HIS D 214 -7.82 -8.17 2.37
CA HIS D 214 -7.97 -8.50 0.95
C HIS D 214 -8.44 -7.30 0.13
N LEU D 215 -9.01 -6.31 0.79
CA LEU D 215 -9.50 -5.11 0.11
C LEU D 215 -8.43 -4.04 -0.06
N ARG D 216 -7.37 -4.12 0.75
CA ARG D 216 -6.29 -3.16 0.65
C ARG D 216 -5.32 -3.58 -0.45
N VAL E 33 -17.23 40.78 14.12
CA VAL E 33 -15.92 41.24 13.58
C VAL E 33 -16.05 42.61 12.94
N ASP E 34 -15.20 43.54 13.35
CA ASP E 34 -15.21 44.89 12.83
C ASP E 34 -14.36 44.96 11.55
N LEU E 35 -15.02 44.78 10.41
CA LEU E 35 -14.35 44.79 9.11
C LEU E 35 -13.60 46.10 8.86
N GLU E 36 -14.15 47.20 9.35
CA GLU E 36 -13.53 48.52 9.17
C GLU E 36 -12.18 48.62 9.90
N ARG E 37 -12.13 48.10 11.12
CA ARG E 37 -10.89 48.12 11.91
C ARG E 37 -9.83 47.21 11.27
N LEU E 38 -10.22 46.01 10.87
CA LEU E 38 -9.29 45.07 10.23
C LEU E 38 -8.72 45.72 8.99
N GLN E 39 -9.59 46.44 8.28
CA GLN E 39 -9.21 47.13 7.05
C GLN E 39 -8.13 48.19 7.32
N ALA E 40 -8.29 48.95 8.41
CA ALA E 40 -7.32 49.97 8.77
C ALA E 40 -6.01 49.34 9.22
N LEU E 41 -6.09 48.24 9.95
CA LEU E 41 -4.89 47.54 10.41
C LEU E 41 -4.11 46.98 9.21
N ALA E 42 -4.85 46.40 8.26
CA ALA E 42 -4.26 45.82 7.06
C ALA E 42 -3.58 46.87 6.20
N ALA E 43 -4.17 48.08 6.14
CA ALA E 43 -3.61 49.17 5.36
C ALA E 43 -2.26 49.57 5.95
N GLU E 44 -2.19 49.65 7.27
CA GLU E 44 -0.94 50.02 7.93
C GLU E 44 0.07 48.88 7.82
N TRP E 45 -0.42 47.64 7.80
CA TRP E 45 0.46 46.48 7.68
C TRP E 45 1.20 46.60 6.35
N LEU E 46 0.47 46.96 5.30
CA LEU E 46 1.05 47.12 3.97
C LEU E 46 2.20 48.15 3.99
N GLN E 47 1.99 49.27 4.67
CA GLN E 47 2.98 50.34 4.76
C GLN E 47 4.27 49.95 5.49
N VAL E 48 4.12 49.34 6.66
CA VAL E 48 5.28 48.95 7.46
C VAL E 48 6.20 47.92 6.81
N ILE E 49 5.65 47.00 6.01
CA ILE E 49 6.49 46.01 5.33
C ILE E 49 7.15 46.57 4.08
N GLY E 50 6.90 47.84 3.79
CA GLY E 50 7.51 48.49 2.64
C GLY E 50 6.68 48.58 1.37
N GLU E 51 5.38 48.34 1.46
CA GLU E 51 4.51 48.42 0.30
C GLU E 51 3.74 49.74 0.21
N ASP E 52 2.94 49.88 -0.83
CA ASP E 52 2.18 51.09 -1.08
C ASP E 52 0.69 50.80 -1.27
N PRO E 53 -0.12 51.04 -0.21
CA PRO E 53 -1.57 50.83 -0.20
C PRO E 53 -2.28 51.59 -1.32
N GLY E 54 -1.60 52.62 -1.84
CA GLY E 54 -2.16 53.42 -2.90
C GLY E 54 -1.97 52.89 -4.32
N ARG E 55 -1.05 51.95 -4.52
CA ARG E 55 -0.84 51.42 -5.87
C ARG E 55 -2.02 50.58 -6.31
N GLU E 56 -2.31 50.61 -7.60
CA GLU E 56 -3.44 49.91 -8.19
C GLU E 56 -3.77 48.50 -7.68
N GLY E 57 -2.77 47.62 -7.65
CA GLY E 57 -3.00 46.26 -7.17
C GLY E 57 -3.32 46.09 -5.71
N LEU E 58 -3.07 47.13 -4.90
CA LEU E 58 -3.34 47.04 -3.46
C LEU E 58 -4.53 47.87 -2.97
N LEU E 59 -5.15 48.64 -3.88
CA LEU E 59 -6.30 49.48 -3.54
C LEU E 59 -7.38 48.78 -2.71
N LYS E 60 -7.86 47.64 -3.18
CA LYS E 60 -8.90 46.90 -2.47
C LYS E 60 -8.40 45.81 -1.52
N THR E 61 -7.08 45.72 -1.34
CA THR E 61 -6.49 44.69 -0.47
C THR E 61 -6.89 44.77 1.00
N PRO E 62 -6.86 45.96 1.62
CA PRO E 62 -7.26 46.02 3.03
C PRO E 62 -8.67 45.48 3.24
N GLU E 63 -9.57 45.75 2.29
CA GLU E 63 -10.96 45.28 2.34
C GLU E 63 -11.04 43.78 2.12
N ARG E 64 -10.31 43.29 1.12
CA ARG E 64 -10.28 41.86 0.80
C ARG E 64 -9.74 41.06 1.99
N VAL E 65 -8.64 41.55 2.58
CA VAL E 65 -8.03 40.91 3.73
C VAL E 65 -8.99 40.87 4.92
N ALA E 66 -9.69 41.98 5.15
CA ALA E 66 -10.64 42.09 6.25
C ALA E 66 -11.72 41.02 6.12
N LYS E 67 -12.32 40.93 4.94
CA LYS E 67 -13.36 39.95 4.68
C LYS E 67 -12.84 38.52 4.77
N ALA E 68 -11.62 38.29 4.28
CA ALA E 68 -11.02 36.97 4.32
C ALA E 68 -10.88 36.47 5.76
N TRP E 69 -10.34 37.32 6.63
CA TRP E 69 -10.15 36.95 8.02
C TRP E 69 -11.45 36.77 8.80
N ALA E 70 -12.50 37.45 8.35
CA ALA E 70 -13.82 37.32 8.99
C ALA E 70 -14.29 35.90 8.69
N PHE E 71 -14.09 35.46 7.46
CA PHE E 71 -14.47 34.11 7.04
C PHE E 71 -13.58 33.07 7.71
N LEU E 72 -12.27 33.32 7.73
CA LEU E 72 -11.32 32.39 8.31
C LEU E 72 -11.47 32.17 9.82
N THR E 73 -12.13 33.10 10.50
CA THR E 73 -12.34 32.98 11.93
C THR E 73 -13.81 32.79 12.30
N ARG E 74 -14.65 32.51 11.29
CA ARG E 74 -16.08 32.33 11.50
C ARG E 74 -16.44 31.16 12.43
N GLY E 75 -15.52 30.20 12.54
CA GLY E 75 -15.76 29.04 13.40
C GLY E 75 -16.06 29.38 14.85
N TYR E 76 -15.45 30.44 15.34
CA TYR E 76 -15.65 30.89 16.72
C TYR E 76 -17.08 31.32 16.96
N ARG E 77 -17.72 31.84 15.92
CA ARG E 77 -19.09 32.35 16.01
C ARG E 77 -20.19 31.36 15.67
N GLN E 78 -19.84 30.11 15.40
CA GLN E 78 -20.83 29.10 15.08
C GLN E 78 -21.23 28.31 16.31
N ARG E 79 -22.41 27.70 16.25
CA ARG E 79 -22.90 26.89 17.36
C ARG E 79 -23.11 25.46 16.86
N LEU E 80 -22.57 24.50 17.61
CA LEU E 80 -22.66 23.09 17.25
C LEU E 80 -24.08 22.64 16.92
N GLU E 81 -25.03 23.04 17.76
CA GLU E 81 -26.44 22.69 17.59
C GLU E 81 -26.95 23.10 16.20
N GLU E 82 -26.59 24.31 15.77
CA GLU E 82 -27.00 24.84 14.47
C GLU E 82 -26.21 24.21 13.32
N VAL E 83 -24.95 23.88 13.58
CA VAL E 83 -24.10 23.27 12.57
C VAL E 83 -24.65 21.89 12.20
N VAL E 84 -25.09 21.14 13.21
CA VAL E 84 -25.66 19.81 13.00
C VAL E 84 -27.07 19.92 12.41
N GLY E 85 -27.77 21.01 12.77
CA GLY E 85 -29.12 21.26 12.28
C GLY E 85 -30.02 20.04 12.23
N GLY E 86 -30.07 19.30 13.33
CA GLY E 86 -30.86 18.08 13.34
C GLY E 86 -29.99 17.08 12.61
N ALA E 87 -30.47 16.55 11.49
CA ALA E 87 -29.71 15.60 10.71
C ALA E 87 -29.08 14.47 11.52
N VAL E 88 -29.79 14.03 12.56
CA VAL E 88 -29.35 12.91 13.38
C VAL E 88 -30.45 11.87 13.17
N PHE E 89 -30.07 10.74 12.59
CA PHE E 89 -31.03 9.68 12.28
C PHE E 89 -30.79 8.41 13.07
N PRO E 90 -31.83 7.56 13.19
CA PRO E 90 -31.67 6.30 13.92
C PRO E 90 -30.70 5.41 13.15
N ALA E 91 -29.88 4.67 13.89
CA ALA E 91 -28.88 3.78 13.29
C ALA E 91 -29.48 2.66 12.46
N GLU E 92 -28.81 2.34 11.35
CA GLU E 92 -29.26 1.27 10.45
C GLU E 92 -28.55 -0.04 10.80
N GLY E 93 -27.48 0.07 11.57
CA GLY E 93 -26.71 -1.08 11.98
C GLY E 93 -25.75 -0.72 13.09
N SER E 94 -24.92 -1.68 13.49
CA SER E 94 -23.96 -1.45 14.57
C SER E 94 -22.52 -1.32 14.09
N GLU E 95 -22.27 -1.55 12.80
CA GLU E 95 -20.93 -1.45 12.25
C GLU E 95 -20.37 -0.04 12.16
N MET E 96 -19.05 0.03 12.06
CA MET E 96 -18.31 1.29 11.97
C MET E 96 -18.65 2.09 10.71
N VAL E 97 -18.72 3.41 10.87
CA VAL E 97 -18.95 4.30 9.75
C VAL E 97 -17.66 5.13 9.65
N VAL E 98 -17.08 5.20 8.45
CA VAL E 98 -15.85 5.95 8.25
C VAL E 98 -16.02 7.01 7.17
N VAL E 99 -15.88 8.28 7.55
CA VAL E 99 -15.96 9.39 6.61
C VAL E 99 -14.53 9.89 6.50
N LYS E 100 -13.84 9.51 5.44
CA LYS E 100 -12.46 9.91 5.27
C LYS E 100 -12.23 11.00 4.22
N GLY E 101 -11.04 11.61 4.28
CA GLY E 101 -10.68 12.63 3.32
C GLY E 101 -11.44 13.95 3.32
N VAL E 102 -11.93 14.39 4.47
CA VAL E 102 -12.63 15.67 4.54
C VAL E 102 -11.54 16.74 4.57
N GLU E 103 -11.31 17.43 3.45
CA GLU E 103 -10.27 18.43 3.40
C GLU E 103 -10.58 19.58 4.36
N PHE E 104 -9.55 20.16 4.94
CA PHE E 104 -9.71 21.26 5.87
C PHE E 104 -8.58 22.26 5.71
N TYR E 105 -8.84 23.49 6.12
CA TYR E 105 -7.86 24.56 6.09
C TYR E 105 -8.00 25.29 7.41
N SER E 106 -6.87 25.61 8.03
CA SER E 106 -6.88 26.32 9.30
C SER E 106 -5.68 27.28 9.37
N MET E 107 -5.52 27.94 10.51
CA MET E 107 -4.43 28.89 10.71
C MET E 107 -3.76 28.59 12.04
N CYS E 108 -2.43 28.44 12.04
CA CYS E 108 -1.74 28.16 13.29
C CYS E 108 -1.81 29.40 14.17
N GLU E 109 -2.08 29.20 15.46
CA GLU E 109 -2.18 30.32 16.39
C GLU E 109 -0.81 30.94 16.64
N HIS E 110 0.25 30.19 16.30
CA HIS E 110 1.62 30.66 16.52
C HIS E 110 2.16 31.66 15.50
N HIS E 111 1.86 31.46 14.23
CA HIS E 111 2.36 32.35 13.17
C HIS E 111 1.28 33.00 12.32
N LEU E 112 0.04 32.56 12.49
CA LEU E 112 -1.08 33.07 11.70
C LEU E 112 -0.87 32.71 10.23
N LEU E 113 -0.34 31.51 10.00
CA LEU E 113 -0.10 30.99 8.65
C LEU E 113 -0.92 29.71 8.50
N PRO E 114 -1.46 29.48 7.30
CA PRO E 114 -2.28 28.30 7.02
C PRO E 114 -1.62 26.94 7.20
N PHE E 115 -2.41 25.98 7.68
CA PHE E 115 -1.99 24.59 7.77
C PHE E 115 -3.23 23.88 7.28
N PHE E 116 -3.04 22.88 6.43
CA PHE E 116 -4.18 22.21 5.83
C PHE E 116 -3.89 20.77 5.47
N GLY E 117 -4.94 20.05 5.13
CA GLY E 117 -4.81 18.65 4.79
C GLY E 117 -6.15 17.97 4.79
N LYS E 118 -6.25 16.86 5.52
CA LYS E 118 -7.48 16.10 5.56
C LYS E 118 -7.82 15.62 6.97
N VAL E 119 -9.12 15.43 7.20
CA VAL E 119 -9.62 14.91 8.47
C VAL E 119 -10.38 13.63 8.14
N HIS E 120 -10.08 12.57 8.89
CA HIS E 120 -10.71 11.28 8.72
C HIS E 120 -11.45 10.99 10.03
N ILE E 121 -12.72 10.61 9.91
CA ILE E 121 -13.54 10.34 11.08
C ILE E 121 -14.12 8.93 11.04
N GLY E 122 -14.13 8.28 12.20
CA GLY E 122 -14.68 6.95 12.31
C GLY E 122 -15.50 6.85 13.59
N TYR E 123 -16.61 6.11 13.55
CA TYR E 123 -17.43 5.94 14.75
C TYR E 123 -18.35 4.73 14.69
N ILE E 124 -18.66 4.23 15.89
CA ILE E 124 -19.58 3.10 16.06
C ILE E 124 -20.78 3.77 16.72
N PRO E 125 -21.95 3.76 16.05
CA PRO E 125 -23.12 4.39 16.64
C PRO E 125 -23.73 3.64 17.82
N ASP E 126 -24.54 4.36 18.59
CA ASP E 126 -25.26 3.79 19.73
C ASP E 126 -26.69 4.28 19.50
N GLY E 127 -27.32 3.75 18.47
CA GLY E 127 -28.68 4.13 18.14
C GLY E 127 -28.85 5.38 17.30
N LYS E 128 -27.78 6.14 17.09
CA LYS E 128 -27.88 7.37 16.30
C LYS E 128 -26.70 7.58 15.33
N ILE E 129 -27.03 7.92 14.08
CA ILE E 129 -26.03 8.22 13.07
C ILE E 129 -26.17 9.67 12.66
N LEU E 130 -25.09 10.24 12.14
CA LEU E 130 -25.09 11.64 11.73
C LEU E 130 -25.14 11.80 10.22
N GLY E 131 -25.74 12.91 9.76
CA GLY E 131 -25.79 13.18 8.34
C GLY E 131 -24.34 13.36 7.90
N LEU E 132 -23.92 12.63 6.89
CA LEU E 132 -22.53 12.68 6.40
C LEU E 132 -21.91 14.07 6.31
N SER E 133 -22.62 15.00 5.67
CA SER E 133 -22.11 16.36 5.49
C SER E 133 -21.89 17.13 6.80
N LYS E 134 -22.59 16.73 7.87
CA LYS E 134 -22.44 17.42 9.15
C LYS E 134 -21.05 17.22 9.73
N PHE E 135 -20.41 16.12 9.36
CA PHE E 135 -19.05 15.86 9.81
C PHE E 135 -18.14 16.94 9.23
N ALA E 136 -18.40 17.30 7.97
CA ALA E 136 -17.64 18.33 7.29
C ALA E 136 -17.91 19.70 7.92
N ARG E 137 -19.18 19.97 8.24
CA ARG E 137 -19.55 21.24 8.85
C ARG E 137 -18.91 21.40 10.23
N ILE E 138 -18.79 20.29 10.96
CA ILE E 138 -18.15 20.32 12.27
C ILE E 138 -16.65 20.58 12.10
N VAL E 139 -16.04 19.92 11.11
CA VAL E 139 -14.61 20.10 10.82
C VAL E 139 -14.34 21.58 10.57
N ASP E 140 -15.15 22.19 9.70
CA ASP E 140 -15.00 23.60 9.35
C ASP E 140 -15.21 24.54 10.54
N MET E 141 -16.13 24.19 11.42
CA MET E 141 -16.41 24.99 12.61
C MET E 141 -15.16 25.16 13.46
N PHE E 142 -14.41 24.08 13.62
CA PHE E 142 -13.21 24.13 14.43
C PHE E 142 -11.95 24.52 13.66
N ALA E 143 -11.92 24.21 12.37
CA ALA E 143 -10.78 24.56 11.52
C ALA E 143 -10.72 26.07 11.26
N ARG E 144 -11.87 26.68 11.09
CA ARG E 144 -11.93 28.12 10.84
C ARG E 144 -11.77 28.96 12.11
N ARG E 145 -10.59 28.79 12.71
CA ARG E 145 -10.21 29.46 13.95
C ARG E 145 -8.69 29.45 13.94
N LEU E 146 -8.08 30.03 14.98
CA LEU E 146 -6.64 29.98 15.14
C LEU E 146 -6.47 28.67 15.87
N GLN E 147 -5.61 27.80 15.36
CA GLN E 147 -5.47 26.47 15.94
C GLN E 147 -4.08 25.90 16.19
N VAL E 148 -4.10 24.70 16.76
CA VAL E 148 -2.96 23.85 17.08
C VAL E 148 -3.54 22.53 16.54
N GLN E 149 -2.82 21.83 15.66
CA GLN E 149 -3.38 20.59 15.10
C GLN E 149 -3.82 19.54 16.12
N GLU E 150 -3.06 19.43 17.21
CA GLU E 150 -3.37 18.48 18.29
C GLU E 150 -4.73 18.78 18.90
N ARG E 151 -5.04 20.07 19.05
CA ARG E 151 -6.31 20.52 19.61
C ARG E 151 -7.46 20.26 18.64
N LEU E 152 -7.24 20.57 17.37
CA LEU E 152 -8.25 20.41 16.33
C LEU E 152 -8.86 19.01 16.28
N ALA E 153 -8.00 18.00 16.39
CA ALA E 153 -8.46 16.61 16.37
C ALA E 153 -9.38 16.31 17.57
N VAL E 154 -8.96 16.76 18.75
CA VAL E 154 -9.71 16.53 19.99
C VAL E 154 -11.08 17.23 19.97
N GLN E 155 -11.09 18.50 19.56
CA GLN E 155 -12.34 19.25 19.51
C GLN E 155 -13.34 18.64 18.53
N ILE E 156 -12.87 18.14 17.38
CA ILE E 156 -13.75 17.51 16.40
C ILE E 156 -14.34 16.24 17.00
N ALA E 157 -13.49 15.43 17.62
CA ALA E 157 -13.93 14.19 18.25
C ALA E 157 -14.94 14.46 19.36
N GLU E 158 -14.66 15.45 20.20
CA GLU E 158 -15.56 15.78 21.31
C GLU E 158 -16.90 16.31 20.83
N ALA E 159 -16.90 17.06 19.72
CA ALA E 159 -18.14 17.59 19.15
C ALA E 159 -19.01 16.43 18.65
N ILE E 160 -18.37 15.44 18.03
CA ILE E 160 -19.08 14.27 17.50
C ILE E 160 -19.68 13.48 18.67
N GLN E 161 -18.88 13.35 19.72
CA GLN E 161 -19.28 12.63 20.93
C GLN E 161 -20.53 13.27 21.56
N GLU E 162 -20.53 14.60 21.68
CA GLU E 162 -21.66 15.30 22.28
C GLU E 162 -22.93 15.18 21.46
N VAL E 163 -22.79 15.21 20.13
CA VAL E 163 -23.93 15.14 19.22
C VAL E 163 -24.55 13.75 19.07
N LEU E 164 -23.70 12.71 19.00
CA LEU E 164 -24.21 11.36 18.80
C LEU E 164 -24.16 10.43 20.00
N GLU E 165 -23.29 10.72 20.97
CA GLU E 165 -23.11 9.87 22.14
C GLU E 165 -22.95 8.43 21.63
N PRO E 166 -22.06 8.24 20.64
CA PRO E 166 -21.83 6.91 20.06
C PRO E 166 -21.01 6.04 20.98
N GLN E 167 -20.86 4.77 20.63
CA GLN E 167 -20.08 3.85 21.43
C GLN E 167 -18.62 4.31 21.46
N GLY E 168 -18.19 4.94 20.36
CA GLY E 168 -16.83 5.44 20.27
C GLY E 168 -16.64 6.30 19.03
N VAL E 169 -15.61 7.14 19.06
CA VAL E 169 -15.29 8.03 17.95
C VAL E 169 -13.77 8.08 17.80
N GLY E 170 -13.31 8.21 16.56
CA GLY E 170 -11.89 8.30 16.28
C GLY E 170 -11.71 9.36 15.21
N VAL E 171 -10.81 10.32 15.45
CA VAL E 171 -10.55 11.38 14.49
C VAL E 171 -9.05 11.48 14.24
N VAL E 172 -8.68 11.45 12.97
CA VAL E 172 -7.29 11.56 12.58
C VAL E 172 -7.17 12.79 11.67
N VAL E 173 -6.23 13.66 11.99
CA VAL E 173 -6.03 14.86 11.19
C VAL E 173 -4.61 14.78 10.63
N GLU E 174 -4.47 15.05 9.34
CA GLU E 174 -3.16 15.01 8.69
C GLU E 174 -3.00 16.30 7.90
N GLY E 175 -1.93 17.03 8.20
CA GLY E 175 -1.75 18.28 7.49
C GLY E 175 -0.33 18.75 7.28
N VAL E 176 -0.20 19.68 6.36
CA VAL E 176 1.08 20.28 6.05
C VAL E 176 0.98 21.68 6.63
N HIS E 177 2.10 22.18 7.15
CA HIS E 177 2.13 23.49 7.79
C HIS E 177 3.03 24.46 7.05
N LEU E 178 2.45 25.55 6.55
CA LEU E 178 3.22 26.55 5.84
C LEU E 178 4.27 27.24 6.71
N CYS E 179 4.05 27.30 8.02
CA CYS E 179 5.01 27.93 8.91
C CYS E 179 6.29 27.09 8.99
N MET E 180 6.21 25.84 8.55
CA MET E 180 7.37 24.95 8.52
C MET E 180 7.95 24.89 7.11
N MET E 181 7.13 25.24 6.12
CA MET E 181 7.51 25.17 4.70
C MET E 181 7.99 26.44 4.00
N MET E 182 7.32 27.55 4.23
CA MET E 182 7.69 28.81 3.56
C MET E 182 8.57 29.73 4.38
N ARG E 183 8.95 29.29 5.58
CA ARG E 183 9.81 30.07 6.47
C ARG E 183 10.40 29.16 7.53
N GLY E 184 11.18 29.73 8.45
CA GLY E 184 11.78 28.95 9.52
C GLY E 184 12.66 27.80 9.03
N VAL E 185 12.31 26.58 9.42
CA VAL E 185 13.07 25.39 9.01
C VAL E 185 12.99 25.09 7.51
N GLU E 186 11.93 25.57 6.86
CA GLU E 186 11.74 25.38 5.44
C GLU E 186 11.84 23.93 4.94
N LYS E 187 11.29 23.00 5.73
CA LYS E 187 11.28 21.59 5.35
C LYS E 187 10.12 21.45 4.36
N GLN E 188 10.31 20.62 3.33
CA GLN E 188 9.31 20.46 2.27
C GLN E 188 8.51 19.16 2.24
N HIS E 189 9.10 18.08 2.74
CA HIS E 189 8.43 16.78 2.67
C HIS E 189 7.63 16.37 3.90
N SER E 190 7.60 17.22 4.90
CA SER E 190 6.91 16.89 6.14
C SER E 190 5.41 17.12 6.23
N ARG E 191 4.74 16.24 6.98
CA ARG E 191 3.31 16.34 7.23
C ARG E 191 3.09 15.78 8.63
N THR E 192 2.12 16.35 9.35
CA THR E 192 1.86 15.94 10.72
C THR E 192 0.53 15.23 10.90
N VAL E 193 0.54 14.21 11.75
CA VAL E 193 -0.65 13.44 12.04
C VAL E 193 -0.95 13.60 13.52
N THR E 194 -2.20 13.93 13.83
CA THR E 194 -2.67 14.07 15.21
C THR E 194 -4.00 13.33 15.25
N SER E 195 -4.42 12.90 16.43
CA SER E 195 -5.68 12.17 16.54
C SER E 195 -6.31 12.26 17.91
N ALA E 196 -7.54 11.76 18.00
CA ALA E 196 -8.29 11.72 19.25
C ALA E 196 -9.16 10.46 19.17
N MET E 197 -9.10 9.65 20.22
CA MET E 197 -9.86 8.40 20.28
C MET E 197 -10.73 8.43 21.54
N LEU E 198 -12.03 8.23 21.37
CA LEU E 198 -12.97 8.26 22.48
C LEU E 198 -13.81 6.99 22.54
N GLY E 199 -14.29 6.65 23.73
CA GLY E 199 -15.12 5.46 23.88
C GLY E 199 -14.40 4.19 23.47
N VAL E 200 -15.10 3.35 22.70
CA VAL E 200 -14.53 2.09 22.26
C VAL E 200 -13.30 2.20 21.36
N PHE E 201 -13.09 3.36 20.73
CA PHE E 201 -11.91 3.54 19.87
C PHE E 201 -10.66 3.65 20.76
N ARG E 202 -10.84 4.17 21.98
CA ARG E 202 -9.73 4.29 22.92
C ARG E 202 -9.53 2.97 23.66
N GLU E 203 -10.64 2.36 24.09
CA GLU E 203 -10.63 1.11 24.84
C GLU E 203 -10.34 -0.18 24.06
N ASN E 204 -10.87 -0.27 22.85
CA ASN E 204 -10.71 -1.46 22.02
C ASN E 204 -9.63 -1.29 20.95
N GLN E 205 -8.49 -1.91 21.20
CA GLN E 205 -7.33 -1.86 20.29
C GLN E 205 -7.68 -2.32 18.88
N LYS E 206 -8.44 -3.41 18.77
CA LYS E 206 -8.85 -3.94 17.47
C LYS E 206 -9.78 -3.02 16.70
N THR E 207 -10.64 -2.30 17.42
CA THR E 207 -11.56 -1.35 16.78
C THR E 207 -10.73 -0.20 16.22
N ARG E 208 -9.76 0.26 17.01
CA ARG E 208 -8.89 1.37 16.59
C ARG E 208 -8.08 0.95 15.36
N GLU E 209 -7.52 -0.25 15.41
CA GLU E 209 -6.71 -0.79 14.32
C GLU E 209 -7.54 -0.91 13.03
N GLU E 210 -8.78 -1.36 13.19
CA GLU E 210 -9.68 -1.51 12.05
C GLU E 210 -9.96 -0.15 11.42
N PHE E 211 -10.16 0.87 12.25
CA PHE E 211 -10.41 2.23 11.77
C PHE E 211 -9.19 2.76 11.00
N LEU E 212 -8.02 2.70 11.64
CA LEU E 212 -6.77 3.16 11.01
C LEU E 212 -6.45 2.43 9.71
N SER E 213 -6.79 1.14 9.66
CA SER E 213 -6.55 0.33 8.45
C SER E 213 -7.39 0.82 7.27
N HIS E 214 -8.65 1.19 7.54
CA HIS E 214 -9.53 1.70 6.48
C HIS E 214 -8.95 2.98 5.89
N LEU E 215 -8.02 3.61 6.61
CA LEU E 215 -7.39 4.86 6.16
C LEU E 215 -6.17 4.63 5.26
N ARG E 216 -5.62 3.42 5.27
CA ARG E 216 -4.47 3.12 4.44
C ARG E 216 -4.94 2.62 3.07
#